data_5SNJ
#
_entry.id   5SNJ
#
_cell.length_a   138.134
_cell.length_b   65.543
_cell.length_c   84.434
_cell.angle_alpha   90.000
_cell.angle_beta   93.350
_cell.angle_gamma   90.000
#
_symmetry.space_group_name_H-M   'C 1 2 1'
#
loop_
_entity.id
_entity.type
_entity.pdbx_description
1 polymer '3-oxoacyl-[acyl-carrier-protein] synthase 2'
2 non-polymer 'DIMETHYL SULFOXIDE'
3 non-polymer 5-chloro-2-(propan-2-yl)pyrimidine-4-carboxamide
4 non-polymer 'PHOSPHATE ION'
5 water water
#
_entity_poly.entity_id   1
_entity_poly.type   'polypeptide(L)'
_entity_poly.pdbx_seq_one_letter_code
;MSRRRVVITGMGMLSPLGLDVPSSWEGILAGRSGIAPIEHMDLSAYSTRFGGSVKGFNVEEYLSAKEARKLDLFIQYGLA
ASFQAVRDSGLEVTDANRERIGVSMGSGIGGLTNIENNCRSLFEQGPRRISPFFVPGSIINMVSGFLSIHLGLQGPNYAL
TTAQTTGTHSIGMAARNIAYGEADVMVAGGSEMAACGLGLGGFGAARALSTRNDEPTRASRPWDRDRDGFVLSDGSGALV
LEELEHARARGARIYAELVGFGMSGDAFHMTAPPEDGAGAARCMKNALRDAGLDPRQVDYINAHGTSTPAGDIAEIAAVK
SVFGEHAHALSMSSTKSMTGHLLGAAGAVEAIFSVLALRDQVAPPTINLDNPDEGCDLDLVAHEAKPRKIDVALSNSFGF
GGTNGTLVFRRFAD
;
_entity_poly.pdbx_strand_id   A,B
#
loop_
_chem_comp.id
_chem_comp.type
_chem_comp.name
_chem_comp.formula
DMS non-polymer 'DIMETHYL SULFOXIDE' 'C2 H6 O S'
K2G non-polymer 5-chloro-2-(propan-2-yl)pyrimidine-4-carboxamide 'C8 H10 Cl N3 O'
PO4 non-polymer 'PHOSPHATE ION' 'O4 P -3'
#
# COMPACT_ATOMS: atom_id res chain seq x y z
N SER A 2 6.63 -24.90 -7.25
CA SER A 2 5.31 -25.19 -6.59
C SER A 2 5.28 -24.62 -5.16
N ARG A 3 4.09 -24.51 -4.56
CA ARG A 3 3.81 -23.59 -3.42
C ARG A 3 4.48 -24.11 -2.13
N ARG A 4 5.35 -23.30 -1.53
CA ARG A 4 6.10 -23.69 -0.32
C ARG A 4 5.32 -23.32 0.94
N ARG A 5 5.70 -23.94 2.06
CA ARG A 5 5.04 -23.72 3.36
C ARG A 5 5.70 -22.54 4.07
N VAL A 6 4.91 -21.82 4.87
CA VAL A 6 5.36 -20.59 5.53
C VAL A 6 5.09 -20.66 7.03
N VAL A 7 6.13 -20.35 7.83
CA VAL A 7 6.02 -20.40 9.31
C VAL A 7 6.42 -19.06 9.90
N ILE A 8 6.04 -18.86 11.14
CA ILE A 8 6.32 -17.64 11.91
C ILE A 8 7.47 -17.98 12.87
N THR A 9 8.57 -17.25 12.76
CA THR A 9 9.82 -17.51 13.53
C THR A 9 10.13 -16.34 14.43
N GLY A 10 9.45 -15.20 14.30
CA GLY A 10 9.77 -14.02 15.12
C GLY A 10 8.61 -13.08 15.15
N MET A 11 8.38 -12.43 16.29
CA MET A 11 7.27 -11.45 16.40
C MET A 11 7.73 -10.25 17.22
N GLY A 12 7.17 -9.08 16.90
CA GLY A 12 7.47 -7.83 17.59
C GLY A 12 6.25 -6.96 17.66
N MET A 13 6.19 -6.09 18.66
CA MET A 13 4.97 -5.32 18.93
C MET A 13 5.25 -4.09 19.79
N LEU A 14 4.57 -2.98 19.45
CA LEU A 14 4.15 -1.90 20.38
C LEU A 14 2.62 -1.85 20.41
N SER A 15 2.02 -1.84 21.59
CA SER A 15 0.56 -1.72 21.74
C SER A 15 0.24 -0.83 22.93
N PRO A 16 -1.04 -0.48 23.10
CA PRO A 16 -1.50 0.18 24.33
C PRO A 16 -1.31 -0.66 25.58
N LEU A 17 -0.95 -1.95 25.44
CA LEU A 17 -0.80 -2.84 26.62
C LEU A 17 0.67 -3.09 26.95
N GLY A 18 1.62 -2.74 26.07
CA GLY A 18 3.06 -2.99 26.36
C GLY A 18 4.00 -2.58 25.24
N LEU A 19 5.31 -2.53 25.55
CA LEU A 19 6.39 -2.08 24.62
C LEU A 19 7.01 -3.29 23.93
N ASP A 20 6.39 -4.46 24.09
CA ASP A 20 6.81 -5.70 23.40
C ASP A 20 5.66 -6.68 23.38
N VAL A 21 5.92 -7.85 22.81
CA VAL A 21 4.91 -8.93 22.71
C VAL A 21 4.59 -9.52 24.08
N PRO A 22 5.58 -10.04 24.86
CA PRO A 22 5.26 -10.69 26.12
C PRO A 22 4.43 -9.80 27.07
N SER A 23 4.81 -8.52 27.21
CA SER A 23 4.11 -7.56 28.10
C SER A 23 2.68 -7.29 27.59
N SER A 24 2.51 -7.08 26.28
CA SER A 24 1.18 -6.93 25.65
C SER A 24 0.33 -8.18 25.92
N TRP A 25 0.88 -9.39 25.72
CA TRP A 25 0.14 -10.68 25.85
C TRP A 25 -0.30 -10.92 27.31
N GLU A 26 0.55 -10.60 28.29
N GLU A 26 0.56 -10.62 28.29
CA GLU A 26 0.21 -10.67 29.73
CA GLU A 26 0.21 -10.66 29.73
C GLU A 26 -1.03 -9.79 29.98
C GLU A 26 -1.05 -9.80 29.96
N GLY A 27 -1.07 -8.59 29.39
CA GLY A 27 -2.22 -7.69 29.52
C GLY A 27 -3.46 -8.30 28.91
N ILE A 28 -3.32 -8.83 27.70
CA ILE A 28 -4.41 -9.53 26.97
C ILE A 28 -5.00 -10.64 27.85
N LEU A 29 -4.16 -11.49 28.42
CA LEU A 29 -4.67 -12.68 29.16
C LEU A 29 -5.26 -12.26 30.51
N ALA A 30 -4.92 -11.07 31.03
CA ALA A 30 -5.42 -10.61 32.35
C ALA A 30 -6.64 -9.69 32.15
N GLY A 31 -7.07 -9.47 30.90
CA GLY A 31 -8.27 -8.67 30.63
C GLY A 31 -8.04 -7.20 30.92
N ARG A 32 -6.80 -6.75 30.85
CA ARG A 32 -6.43 -5.32 31.13
C ARG A 32 -6.77 -4.46 29.91
N SER A 33 -7.36 -3.28 30.12
CA SER A 33 -7.54 -2.19 29.12
C SER A 33 -6.27 -1.33 28.98
N GLY A 34 -5.94 -0.98 27.73
CA GLY A 34 -4.88 -0.03 27.39
C GLY A 34 -5.48 1.32 27.04
N ILE A 35 -6.76 1.56 27.32
CA ILE A 35 -7.46 2.79 26.86
C ILE A 35 -7.47 3.81 28.00
N ALA A 36 -7.16 5.05 27.69
CA ALA A 36 -7.01 6.12 28.68
C ALA A 36 -7.20 7.47 27.99
N PRO A 37 -7.58 8.51 28.75
CA PRO A 37 -7.60 9.86 28.19
C PRO A 37 -6.24 10.14 27.58
N ILE A 38 -6.26 10.79 26.44
CA ILE A 38 -5.04 11.15 25.68
C ILE A 38 -4.40 12.36 26.36
N GLU A 39 -3.09 12.30 26.57
CA GLU A 39 -2.31 13.35 27.27
C GLU A 39 -1.48 14.20 26.29
N HIS A 40 -1.17 13.71 25.09
CA HIS A 40 -0.12 14.29 24.20
C HIS A 40 -0.64 15.54 23.47
N MET A 41 -1.92 15.91 23.65
CA MET A 41 -2.56 17.10 23.03
C MET A 41 -3.85 17.42 23.78
N ASP A 42 -4.33 18.67 23.68
CA ASP A 42 -5.58 19.17 24.33
C ASP A 42 -6.79 18.80 23.44
N LEU A 43 -7.69 17.96 23.94
CA LEU A 43 -8.84 17.45 23.13
C LEU A 43 -10.16 18.01 23.65
N SER A 44 -10.18 19.15 24.36
CA SER A 44 -11.44 19.63 24.98
C SER A 44 -12.47 19.97 23.91
N ALA A 45 -12.07 20.39 22.70
CA ALA A 45 -12.99 20.76 21.60
C ALA A 45 -13.52 19.50 20.88
N TYR A 46 -12.91 18.33 21.13
CA TYR A 46 -13.24 17.08 20.40
C TYR A 46 -14.38 16.32 21.11
N SER A 47 -15.18 15.55 20.36
CA SER A 47 -16.24 14.70 20.93
C SER A 47 -15.69 13.38 21.53
N THR A 48 -14.43 13.02 21.24
CA THR A 48 -13.72 11.85 21.83
C THR A 48 -12.35 12.31 22.31
N ARG A 49 -11.98 11.98 23.53
CA ARG A 49 -10.74 12.54 24.15
C ARG A 49 -9.85 11.45 24.72
N PHE A 50 -10.09 10.19 24.36
CA PHE A 50 -9.34 9.03 24.87
C PHE A 50 -8.97 8.13 23.68
N GLY A 51 -8.16 7.14 23.95
CA GLY A 51 -7.61 6.23 22.92
C GLY A 51 -6.61 5.29 23.55
N GLY A 52 -6.09 4.35 22.73
CA GLY A 52 -5.01 3.44 23.12
C GLY A 52 -3.67 4.00 22.69
N SER A 53 -3.00 4.70 23.60
CA SER A 53 -1.67 5.32 23.31
C SER A 53 -0.60 4.28 23.62
N VAL A 54 0.56 4.38 22.99
CA VAL A 54 1.75 3.60 23.41
C VAL A 54 2.34 4.38 24.59
N LYS A 55 2.50 3.73 25.75
CA LYS A 55 3.01 4.40 26.99
C LYS A 55 4.51 4.16 27.15
N GLY A 56 5.29 5.24 27.27
CA GLY A 56 6.71 5.18 27.65
C GLY A 56 7.60 4.58 26.56
N PHE A 57 7.19 4.70 25.30
CA PHE A 57 8.01 4.27 24.14
C PHE A 57 9.34 5.01 24.19
N ASN A 58 10.42 4.25 24.25
CA ASN A 58 11.80 4.80 24.19
C ASN A 58 12.42 4.48 22.83
N VAL A 59 12.33 5.42 21.90
CA VAL A 59 12.90 5.24 20.53
C VAL A 59 14.42 5.04 20.61
N GLU A 60 15.06 5.50 21.69
CA GLU A 60 16.55 5.40 21.84
C GLU A 60 16.94 3.99 22.29
N GLU A 61 15.98 3.08 22.43
CA GLU A 61 16.24 1.61 22.49
C GLU A 61 16.52 1.06 21.09
N TYR A 62 16.23 1.81 20.01
CA TYR A 62 16.14 1.27 18.63
C TYR A 62 16.90 2.11 17.62
N LEU A 63 16.87 3.43 17.76
CA LEU A 63 17.33 4.40 16.73
C LEU A 63 18.13 5.51 17.44
N SER A 64 19.15 6.05 16.78
CA SER A 64 19.79 7.33 17.19
C SER A 64 18.74 8.45 17.23
N ALA A 65 18.84 9.39 18.16
CA ALA A 65 17.86 10.49 18.28
C ALA A 65 17.97 11.35 17.01
N LYS A 66 19.15 11.36 16.39
CA LYS A 66 19.43 12.10 15.13
C LYS A 66 18.41 11.64 14.06
N GLU A 67 18.24 10.33 13.94
CA GLU A 67 17.31 9.69 12.97
C GLU A 67 15.86 9.86 13.44
N ALA A 68 15.58 9.49 14.69
CA ALA A 68 14.22 9.48 15.25
C ALA A 68 13.49 10.82 15.05
N ARG A 69 14.24 11.92 15.17
N ARG A 69 14.22 11.93 15.17
CA ARG A 69 13.70 13.32 15.11
CA ARG A 69 13.65 13.31 15.11
C ARG A 69 13.08 13.58 13.73
C ARG A 69 13.07 13.59 13.72
N LYS A 70 13.51 12.87 12.68
CA LYS A 70 13.02 13.11 11.29
C LYS A 70 11.89 12.13 10.89
N LEU A 71 11.54 11.14 11.71
CA LEU A 71 10.55 10.09 11.32
C LEU A 71 9.24 10.27 12.08
N ASP A 72 8.10 10.23 11.38
CA ASP A 72 6.79 10.16 12.07
C ASP A 72 6.79 9.02 13.09
N LEU A 73 6.01 9.20 14.16
CA LEU A 73 5.77 8.12 15.15
C LEU A 73 5.38 6.81 14.47
N PHE A 74 4.55 6.80 13.43
CA PHE A 74 4.13 5.49 12.84
C PHE A 74 5.37 4.77 12.29
N ILE A 75 6.36 5.50 11.76
CA ILE A 75 7.59 4.84 11.25
C ILE A 75 8.38 4.34 12.44
N GLN A 76 8.56 5.17 13.47
CA GLN A 76 9.30 4.75 14.66
C GLN A 76 8.68 3.48 15.22
N TYR A 77 7.34 3.42 15.33
CA TYR A 77 6.66 2.24 15.91
C TYR A 77 6.89 1.00 15.02
N GLY A 78 6.78 1.18 13.71
CA GLY A 78 6.99 0.08 12.74
C GLY A 78 8.40 -0.49 12.79
N LEU A 79 9.40 0.39 12.87
CA LEU A 79 10.83 -0.03 13.02
C LEU A 79 11.02 -0.77 14.34
N ALA A 80 10.48 -0.25 15.44
CA ALA A 80 10.61 -0.91 16.75
C ALA A 80 10.04 -2.33 16.67
N ALA A 81 8.82 -2.49 16.18
CA ALA A 81 8.21 -3.83 16.10
C ALA A 81 9.04 -4.72 15.16
N SER A 82 9.48 -4.20 14.01
CA SER A 82 10.32 -4.92 13.02
C SER A 82 11.64 -5.40 13.66
N PHE A 83 12.32 -4.50 14.35
CA PHE A 83 13.60 -4.83 15.02
C PHE A 83 13.34 -5.94 16.04
N GLN A 84 12.28 -5.81 16.84
CA GLN A 84 11.95 -6.87 17.82
C GLN A 84 11.78 -8.20 17.09
N ALA A 85 11.04 -8.19 15.98
CA ALA A 85 10.65 -9.44 15.29
C ALA A 85 11.91 -10.11 14.76
N VAL A 86 12.80 -9.34 14.11
CA VAL A 86 14.05 -9.90 13.53
C VAL A 86 14.95 -10.49 14.63
N ARG A 87 15.13 -9.75 15.72
N ARG A 87 15.15 -9.75 15.72
CA ARG A 87 15.94 -10.23 16.88
CA ARG A 87 15.95 -10.26 16.87
C ARG A 87 15.30 -11.54 17.39
C ARG A 87 15.31 -11.54 17.40
N ASP A 88 13.98 -11.53 17.60
CA ASP A 88 13.22 -12.70 18.10
C ASP A 88 13.41 -13.92 17.17
N SER A 89 13.57 -13.70 15.87
CA SER A 89 13.73 -14.80 14.88
C SER A 89 15.09 -15.50 15.02
N GLY A 90 16.13 -14.86 15.54
CA GLY A 90 17.53 -15.38 15.50
C GLY A 90 18.15 -15.27 14.10
N LEU A 91 17.45 -14.70 13.13
CA LEU A 91 17.97 -14.65 11.74
C LEU A 91 19.19 -13.72 11.69
N GLU A 92 20.26 -14.18 11.03
CA GLU A 92 21.45 -13.34 10.68
C GLU A 92 21.39 -13.03 9.20
N VAL A 93 21.44 -11.74 8.87
CA VAL A 93 21.49 -11.23 7.48
C VAL A 93 22.93 -11.31 6.99
N THR A 94 23.13 -11.94 5.83
CA THR A 94 24.47 -12.16 5.20
C THR A 94 24.41 -11.81 3.72
N ASP A 95 25.57 -11.73 3.09
CA ASP A 95 25.62 -11.64 1.61
C ASP A 95 24.89 -12.82 0.97
N ALA A 96 24.89 -14.03 1.58
CA ALA A 96 24.28 -15.24 0.97
C ALA A 96 22.74 -15.17 0.99
N ASN A 97 22.10 -14.39 1.86
CA ASN A 97 20.62 -14.40 2.03
C ASN A 97 19.98 -13.01 1.94
N ARG A 98 20.74 -11.92 1.85
CA ARG A 98 20.16 -10.55 1.92
C ARG A 98 19.23 -10.30 0.72
N GLU A 99 19.45 -10.97 -0.42
CA GLU A 99 18.60 -10.74 -1.60
C GLU A 99 17.26 -11.48 -1.43
N ARG A 100 17.19 -12.39 -0.47
CA ARG A 100 16.04 -13.29 -0.27
C ARG A 100 15.20 -12.86 0.93
N ILE A 101 15.51 -11.71 1.55
CA ILE A 101 14.76 -11.20 2.73
C ILE A 101 14.18 -9.85 2.35
N GLY A 102 12.87 -9.73 2.42
CA GLY A 102 12.16 -8.48 2.10
C GLY A 102 11.32 -8.02 3.26
N VAL A 103 10.55 -6.98 3.03
CA VAL A 103 9.74 -6.34 4.10
C VAL A 103 8.46 -5.78 3.45
N SER A 104 7.35 -5.99 4.14
CA SER A 104 6.02 -5.47 3.78
C SER A 104 5.38 -5.03 5.09
N MET A 105 5.70 -3.80 5.50
CA MET A 105 5.07 -3.14 6.66
C MET A 105 4.20 -2.02 6.12
N GLY A 106 2.92 -2.07 6.48
CA GLY A 106 1.95 -1.10 5.94
C GLY A 106 1.41 -0.17 6.99
N SER A 107 0.55 0.73 6.55
CA SER A 107 -0.21 1.65 7.43
C SER A 107 -1.51 2.07 6.75
N GLY A 108 -2.54 2.39 7.52
CA GLY A 108 -3.83 2.90 7.00
C GLY A 108 -3.67 4.32 6.50
N ILE A 109 -3.03 5.17 7.30
CA ILE A 109 -2.98 6.65 7.06
C ILE A 109 -1.52 7.13 6.97
N GLY A 110 -0.62 6.51 7.73
CA GLY A 110 0.78 6.91 7.79
C GLY A 110 0.96 8.16 8.62
N GLY A 111 1.77 9.10 8.13
CA GLY A 111 2.40 10.13 8.99
C GLY A 111 1.48 11.34 9.11
N LEU A 112 0.24 11.11 9.55
CA LEU A 112 -0.77 12.19 9.66
C LEU A 112 -0.27 13.29 10.61
N THR A 113 0.32 12.94 11.75
CA THR A 113 0.85 13.91 12.75
C THR A 113 1.87 14.83 12.06
N ASN A 114 2.85 14.22 11.40
CA ASN A 114 3.91 14.98 10.70
C ASN A 114 3.27 15.84 9.60
N ILE A 115 2.26 15.33 8.91
CA ILE A 115 1.70 16.10 7.76
C ILE A 115 0.93 17.28 8.35
N GLU A 116 0.23 17.05 9.45
CA GLU A 116 -0.61 18.08 10.11
C GLU A 116 0.35 19.20 10.55
N ASN A 117 1.43 18.83 11.23
CA ASN A 117 2.44 19.74 11.84
C ASN A 117 3.09 20.58 10.74
N ASN A 118 3.42 19.97 9.61
CA ASN A 118 4.00 20.70 8.46
C ASN A 118 2.93 21.53 7.76
N CYS A 119 1.66 21.10 7.75
CA CYS A 119 0.57 21.95 7.19
C CYS A 119 0.44 23.23 8.04
N ARG A 120 0.52 23.13 9.35
CA ARG A 120 0.43 24.28 10.28
C ARG A 120 1.60 25.25 10.00
N SER A 121 2.83 24.73 9.89
CA SER A 121 4.06 25.49 9.49
C SER A 121 3.82 26.23 8.16
N LEU A 122 3.33 25.51 7.13
CA LEU A 122 3.06 26.10 5.80
C LEU A 122 2.09 27.27 5.93
N PHE A 123 0.99 27.10 6.65
CA PHE A 123 -0.14 28.07 6.66
C PHE A 123 0.27 29.34 7.42
N GLU A 124 0.89 29.16 8.59
CA GLU A 124 1.23 30.27 9.51
C GLU A 124 2.51 30.95 9.03
N GLN A 125 3.49 30.20 8.50
CA GLN A 125 4.88 30.71 8.36
C GLN A 125 5.41 30.64 6.92
N GLY A 126 4.77 29.86 6.05
CA GLY A 126 5.21 29.73 4.66
C GLY A 126 5.99 28.44 4.42
N PRO A 127 6.23 28.15 3.13
CA PRO A 127 6.80 26.88 2.71
C PRO A 127 8.25 26.68 3.13
N ARG A 128 8.98 27.77 3.42
CA ARG A 128 10.41 27.65 3.81
C ARG A 128 10.50 26.99 5.19
N ARG A 129 9.38 26.88 5.91
CA ARG A 129 9.38 26.22 7.25
C ARG A 129 8.92 24.76 7.17
N ILE A 130 8.60 24.23 5.99
CA ILE A 130 8.38 22.74 5.85
C ILE A 130 9.72 22.01 6.04
N SER A 131 9.74 20.96 6.84
CA SER A 131 10.90 20.08 7.07
C SER A 131 11.42 19.50 5.74
N PRO A 132 12.75 19.52 5.53
CA PRO A 132 13.38 18.78 4.43
C PRO A 132 13.07 17.27 4.45
N PHE A 133 12.77 16.73 5.63
CA PHE A 133 12.50 15.29 5.88
C PHE A 133 10.99 15.00 5.80
N PHE A 134 10.17 15.98 5.43
CA PHE A 134 8.70 15.87 5.37
C PHE A 134 8.24 14.65 4.55
N VAL A 135 8.71 14.45 3.31
CA VAL A 135 8.26 13.32 2.46
C VAL A 135 8.82 11.99 3.01
N PRO A 136 10.15 11.77 3.06
CA PRO A 136 10.67 10.50 3.50
C PRO A 136 10.27 10.18 4.97
N GLY A 137 9.97 11.21 5.76
CA GLY A 137 9.62 11.00 7.18
C GLY A 137 8.14 10.71 7.38
N SER A 138 7.31 10.77 6.34
CA SER A 138 5.82 10.72 6.47
C SER A 138 5.20 9.64 5.61
N ILE A 139 5.75 9.31 4.44
CA ILE A 139 5.05 8.41 3.48
C ILE A 139 5.16 6.96 3.94
N ILE A 140 4.14 6.19 3.61
CA ILE A 140 3.80 4.91 4.27
C ILE A 140 4.90 3.88 4.00
N ASN A 141 5.49 3.90 2.80
CA ASN A 141 6.48 2.88 2.36
C ASN A 141 7.83 2.97 3.11
N MET A 142 8.03 3.96 3.98
CA MET A 142 9.38 4.21 4.57
C MET A 142 9.63 3.38 5.82
N VAL A 143 8.64 2.65 6.34
CA VAL A 143 8.94 1.58 7.33
C VAL A 143 9.75 0.51 6.60
N SER A 144 9.17 -0.01 5.52
CA SER A 144 9.87 -0.98 4.64
C SER A 144 11.24 -0.41 4.21
N GLY A 145 11.26 0.84 3.80
CA GLY A 145 12.45 1.52 3.28
C GLY A 145 13.54 1.61 4.33
N PHE A 146 13.24 2.18 5.51
CA PHE A 146 14.25 2.40 6.58
C PHE A 146 14.66 1.05 7.15
N LEU A 147 13.75 0.07 7.25
CA LEU A 147 14.13 -1.23 7.84
C LEU A 147 15.16 -1.90 6.93
N SER A 148 14.93 -1.84 5.61
N SER A 148 14.92 -1.86 5.61
CA SER A 148 15.82 -2.45 4.60
CA SER A 148 15.81 -2.40 4.56
C SER A 148 17.22 -1.81 4.68
C SER A 148 17.21 -1.82 4.72
N ILE A 149 17.28 -0.48 4.84
CA ILE A 149 18.57 0.27 4.94
C ILE A 149 19.31 -0.14 6.20
N HIS A 150 18.62 -0.19 7.34
CA HIS A 150 19.25 -0.51 8.66
C HIS A 150 19.74 -1.96 8.69
N LEU A 151 18.98 -2.90 8.13
CA LEU A 151 19.35 -4.34 8.24
C LEU A 151 20.02 -4.87 6.98
N GLY A 152 19.97 -4.14 5.86
CA GLY A 152 20.52 -4.54 4.55
C GLY A 152 19.66 -5.61 3.87
N LEU A 153 18.33 -5.48 3.94
CA LEU A 153 17.35 -6.38 3.28
C LEU A 153 17.18 -5.94 1.81
N GLN A 154 17.47 -6.83 0.87
CA GLN A 154 17.45 -6.46 -0.56
C GLN A 154 16.35 -7.21 -1.31
N GLY A 155 15.55 -7.98 -0.60
CA GLY A 155 14.37 -8.68 -1.16
C GLY A 155 13.23 -7.73 -1.49
N PRO A 156 12.05 -8.28 -1.88
CA PRO A 156 10.90 -7.45 -2.20
C PRO A 156 10.64 -6.45 -1.08
N ASN A 157 10.39 -5.22 -1.47
CA ASN A 157 10.32 -4.07 -0.58
C ASN A 157 9.06 -3.32 -0.96
N TYR A 158 8.03 -3.39 -0.14
CA TYR A 158 6.77 -2.69 -0.52
C TYR A 158 5.95 -2.40 0.72
N ALA A 159 4.83 -1.73 0.50
CA ALA A 159 3.89 -1.39 1.58
C ALA A 159 2.47 -1.43 1.02
N LEU A 160 1.57 -2.00 1.79
CA LEU A 160 0.11 -1.98 1.55
C LEU A 160 -0.51 -0.84 2.35
N THR A 161 -1.62 -0.37 1.86
CA THR A 161 -2.48 0.56 2.59
C THR A 161 -3.93 0.20 2.26
N THR A 162 -4.55 -0.61 3.13
CA THR A 162 -5.94 -1.08 2.92
C THR A 162 -6.69 -0.78 4.21
N ALA A 163 -6.47 0.42 4.71
CA ALA A 163 -7.19 0.96 5.86
C ALA A 163 -7.12 -0.04 7.00
N GLN A 164 -8.24 -0.43 7.60
CA GLN A 164 -8.24 -1.29 8.82
C GLN A 164 -7.87 -2.75 8.48
N THR A 165 -7.62 -3.07 7.22
CA THR A 165 -7.25 -4.44 6.76
C THR A 165 -5.76 -4.54 6.48
N THR A 166 -5.05 -3.42 6.59
CA THR A 166 -3.63 -3.32 6.18
C THR A 166 -2.77 -4.44 6.77
N GLY A 167 -2.79 -4.65 8.09
CA GLY A 167 -1.85 -5.59 8.73
C GLY A 167 -2.11 -7.02 8.27
N THR A 168 -3.36 -7.37 8.05
CA THR A 168 -3.76 -8.71 7.66
C THR A 168 -3.31 -8.93 6.22
N HIS A 169 -3.64 -8.01 5.34
CA HIS A 169 -3.19 -8.09 3.92
C HIS A 169 -1.65 -8.15 3.84
N SER A 170 -0.94 -7.34 4.64
CA SER A 170 0.54 -7.24 4.57
C SER A 170 1.13 -8.61 4.88
N ILE A 171 0.60 -9.25 5.90
CA ILE A 171 1.11 -10.56 6.33
C ILE A 171 0.76 -11.62 5.29
N GLY A 172 -0.49 -11.65 4.82
CA GLY A 172 -0.95 -12.62 3.80
C GLY A 172 -0.13 -12.57 2.51
N MET A 173 0.06 -11.36 1.97
N MET A 173 0.06 -11.37 1.97
CA MET A 173 0.76 -11.16 0.67
CA MET A 173 0.76 -11.18 0.67
C MET A 173 2.27 -11.40 0.84
C MET A 173 2.27 -11.42 0.85
N ALA A 174 2.82 -11.10 2.02
CA ALA A 174 4.23 -11.46 2.35
C ALA A 174 4.36 -12.98 2.38
N ALA A 175 3.40 -13.71 2.96
CA ALA A 175 3.38 -15.20 2.93
C ALA A 175 3.32 -15.70 1.48
N ARG A 176 2.51 -15.08 0.62
CA ARG A 176 2.45 -15.49 -0.80
C ARG A 176 3.82 -15.26 -1.46
N ASN A 177 4.51 -14.16 -1.16
CA ASN A 177 5.86 -13.92 -1.73
C ASN A 177 6.75 -15.14 -1.49
N ILE A 178 6.68 -15.67 -0.27
CA ILE A 178 7.53 -16.81 0.16
C ILE A 178 7.02 -18.10 -0.46
N ALA A 179 5.73 -18.33 -0.36
CA ALA A 179 5.03 -19.50 -0.94
C ALA A 179 5.46 -19.67 -2.40
N TYR A 180 5.50 -18.59 -3.18
CA TYR A 180 5.70 -18.62 -4.66
C TYR A 180 7.18 -18.49 -5.03
N GLY A 181 8.09 -18.30 -4.07
CA GLY A 181 9.54 -18.32 -4.36
C GLY A 181 10.14 -16.95 -4.57
N GLU A 182 9.39 -15.86 -4.34
CA GLU A 182 9.89 -14.48 -4.60
C GLU A 182 10.84 -14.09 -3.45
N ALA A 183 10.72 -14.75 -2.28
CA ALA A 183 11.58 -14.51 -1.11
C ALA A 183 11.57 -15.75 -0.23
N ASP A 184 12.54 -15.86 0.68
CA ASP A 184 12.56 -16.97 1.66
C ASP A 184 12.14 -16.44 3.02
N VAL A 185 12.32 -15.14 3.25
CA VAL A 185 12.00 -14.46 4.54
C VAL A 185 11.33 -13.13 4.21
N MET A 186 10.29 -12.79 4.98
CA MET A 186 9.69 -11.45 4.89
C MET A 186 9.43 -10.95 6.31
N VAL A 187 9.69 -9.68 6.55
CA VAL A 187 9.20 -8.98 7.76
C VAL A 187 7.89 -8.28 7.36
N ALA A 188 6.77 -8.64 7.98
CA ALA A 188 5.45 -8.16 7.53
C ALA A 188 4.57 -7.77 8.72
N GLY A 189 3.75 -6.76 8.51
CA GLY A 189 2.83 -6.27 9.54
C GLY A 189 2.42 -4.88 9.23
N GLY A 190 2.20 -4.10 10.27
CA GLY A 190 1.74 -2.73 10.08
C GLY A 190 2.01 -1.89 11.29
N SER A 191 1.77 -0.59 11.11
CA SER A 191 1.97 0.41 12.21
C SER A 191 1.03 1.58 11.94
N GLU A 192 0.66 2.21 13.04
CA GLU A 192 -0.31 3.33 12.94
C GLU A 192 -0.10 4.23 14.15
N MET A 193 -0.19 5.54 13.92
N MET A 193 -0.16 5.53 13.90
CA MET A 193 -0.33 6.57 14.98
CA MET A 193 -0.28 6.62 14.90
C MET A 193 -1.15 7.72 14.38
C MET A 193 -1.15 7.70 14.26
N ALA A 194 -2.47 7.58 14.41
CA ALA A 194 -3.39 8.51 13.76
C ALA A 194 -3.93 9.48 14.82
N ALA A 195 -3.42 9.42 16.04
CA ALA A 195 -3.98 10.21 17.16
C ALA A 195 -3.40 11.61 17.12
N CYS A 196 -3.83 12.38 16.13
CA CYS A 196 -3.61 13.85 16.01
C CYS A 196 -4.98 14.48 15.83
N GLY A 197 -5.06 15.82 15.77
CA GLY A 197 -6.33 16.54 15.59
C GLY A 197 -7.09 16.09 14.34
N LEU A 198 -6.38 15.87 13.24
CA LEU A 198 -7.01 15.45 11.98
C LEU A 198 -7.57 14.04 12.13
N GLY A 199 -6.83 13.13 12.76
CA GLY A 199 -7.26 11.74 12.97
C GLY A 199 -8.51 11.67 13.86
N LEU A 200 -8.40 12.22 15.07
CA LEU A 200 -9.51 12.16 16.05
C LEU A 200 -10.69 12.99 15.54
N GLY A 201 -10.39 14.17 14.97
CA GLY A 201 -11.39 15.06 14.38
C GLY A 201 -12.08 14.40 13.20
N GLY A 202 -11.31 13.77 12.32
CA GLY A 202 -11.87 13.16 11.10
C GLY A 202 -12.76 11.96 11.47
N PHE A 203 -12.30 11.03 12.28
CA PHE A 203 -13.18 9.91 12.69
C PHE A 203 -14.36 10.45 13.53
N GLY A 204 -14.12 11.50 14.31
CA GLY A 204 -15.21 12.17 15.03
C GLY A 204 -16.25 12.76 14.09
N ALA A 205 -15.82 13.43 13.04
CA ALA A 205 -16.73 14.05 12.04
C ALA A 205 -17.61 12.98 11.42
N ALA A 206 -17.11 11.74 11.31
CA ALA A 206 -17.84 10.60 10.72
C ALA A 206 -18.72 9.93 11.78
N ARG A 207 -18.63 10.36 13.03
CA ARG A 207 -19.40 9.79 14.15
C ARG A 207 -19.08 8.29 14.28
N ALA A 208 -17.84 7.89 13.98
CA ALA A 208 -17.38 6.48 13.98
C ALA A 208 -16.81 6.06 15.36
N LEU A 209 -16.45 7.01 16.22
CA LEU A 209 -15.75 6.77 17.52
C LEU A 209 -16.74 6.67 18.68
N SER A 210 -16.44 5.81 19.65
CA SER A 210 -17.08 5.89 20.99
C SER A 210 -16.82 7.28 21.56
N THR A 211 -17.85 7.87 22.19
CA THR A 211 -17.77 9.16 22.92
C THR A 211 -17.89 8.89 24.44
N ARG A 212 -17.55 7.70 24.91
CA ARG A 212 -17.63 7.33 26.36
C ARG A 212 -16.44 7.96 27.11
N ASN A 213 -16.31 9.28 27.10
CA ASN A 213 -15.13 10.00 27.64
C ASN A 213 -15.00 9.76 29.14
N ASP A 214 -16.10 9.54 29.83
CA ASP A 214 -16.12 9.46 31.31
C ASP A 214 -15.83 8.04 31.80
N GLU A 215 -15.68 7.07 30.90
CA GLU A 215 -15.29 5.69 31.31
C GLU A 215 -14.56 5.06 30.14
N PRO A 216 -13.36 5.57 29.79
CA PRO A 216 -12.62 5.11 28.60
C PRO A 216 -12.31 3.61 28.54
N THR A 217 -12.08 2.95 29.68
CA THR A 217 -11.71 1.51 29.68
C THR A 217 -12.96 0.69 29.32
N ARG A 218 -14.17 1.25 29.44
CA ARG A 218 -15.42 0.51 29.11
C ARG A 218 -15.93 0.85 27.71
N ALA A 219 -15.24 1.72 26.98
CA ALA A 219 -15.72 2.30 25.71
C ALA A 219 -15.79 1.20 24.62
N SER A 220 -14.74 0.41 24.51
CA SER A 220 -14.59 -0.66 23.51
C SER A 220 -15.31 -1.91 24.07
N ARG A 221 -16.47 -2.22 23.52
CA ARG A 221 -17.36 -3.29 24.05
C ARG A 221 -17.96 -4.04 22.88
N PRO A 222 -17.11 -4.78 22.11
CA PRO A 222 -17.58 -5.50 20.94
C PRO A 222 -18.74 -6.43 21.30
N TRP A 223 -19.82 -6.33 20.53
CA TRP A 223 -21.06 -7.16 20.57
C TRP A 223 -21.95 -6.80 21.77
N ASP A 224 -21.53 -5.84 22.61
CA ASP A 224 -22.33 -5.39 23.78
C ASP A 224 -23.46 -4.47 23.28
N ARG A 225 -24.65 -4.56 23.88
CA ARG A 225 -25.81 -3.77 23.38
C ARG A 225 -25.54 -2.27 23.52
N ASP A 226 -24.63 -1.83 24.39
CA ASP A 226 -24.39 -0.39 24.67
C ASP A 226 -23.14 0.13 23.93
N ARG A 227 -22.66 -0.56 22.88
CA ARG A 227 -21.49 -0.09 22.09
C ARG A 227 -21.90 1.13 21.26
N ASP A 228 -20.96 2.03 20.96
CA ASP A 228 -21.25 3.34 20.32
C ASP A 228 -20.06 3.77 19.45
N GLY A 229 -19.27 2.78 18.99
CA GLY A 229 -18.18 3.01 18.01
C GLY A 229 -16.82 2.51 18.48
N PHE A 230 -15.82 2.64 17.61
CA PHE A 230 -14.49 2.08 17.85
C PHE A 230 -13.71 3.11 18.67
N VAL A 231 -12.66 2.58 19.27
CA VAL A 231 -11.68 3.33 20.05
C VAL A 231 -10.38 3.36 19.25
N LEU A 232 -9.84 4.56 19.07
CA LEU A 232 -8.65 4.78 18.21
C LEU A 232 -7.38 4.47 19.01
N SER A 233 -6.53 3.60 18.48
CA SER A 233 -5.35 3.10 19.17
C SER A 233 -4.14 3.09 18.23
N ASP A 234 -2.98 3.15 18.84
CA ASP A 234 -1.68 3.36 18.16
C ASP A 234 -0.82 2.12 18.39
N GLY A 235 0.12 1.87 17.49
CA GLY A 235 1.13 0.85 17.74
C GLY A 235 1.56 0.18 16.45
N SER A 236 2.07 -1.04 16.60
N SER A 236 2.14 -1.01 16.60
CA SER A 236 2.73 -1.80 15.51
CA SER A 236 2.72 -1.78 15.46
C SER A 236 2.76 -3.29 15.87
C SER A 236 2.87 -3.25 15.83
N GLY A 237 2.68 -4.13 14.84
CA GLY A 237 2.95 -5.56 14.92
C GLY A 237 3.85 -5.88 13.73
N ALA A 238 4.80 -6.76 13.94
CA ALA A 238 5.66 -7.27 12.87
C ALA A 238 5.89 -8.76 13.13
N LEU A 239 5.88 -9.54 12.08
CA LEU A 239 6.23 -10.96 12.11
C LEU A 239 7.31 -11.20 11.06
N VAL A 240 8.24 -12.08 11.42
CA VAL A 240 9.16 -12.72 10.47
C VAL A 240 8.48 -13.99 9.95
N LEU A 241 8.14 -13.96 8.67
CA LEU A 241 7.59 -15.11 7.95
C LEU A 241 8.79 -15.76 7.25
N GLU A 242 8.80 -17.07 7.20
CA GLU A 242 9.99 -17.79 6.70
C GLU A 242 9.52 -19.07 6.01
N GLU A 243 10.13 -19.38 4.88
CA GLU A 243 9.86 -20.68 4.24
C GLU A 243 10.25 -21.81 5.21
N LEU A 244 9.45 -22.88 5.23
CA LEU A 244 9.54 -23.95 6.25
C LEU A 244 10.94 -24.57 6.23
N GLU A 245 11.40 -25.03 5.06
CA GLU A 245 12.72 -25.75 4.94
C GLU A 245 13.85 -24.79 5.35
N HIS A 246 13.75 -23.51 4.97
CA HIS A 246 14.74 -22.46 5.35
C HIS A 246 14.76 -22.33 6.88
N ALA A 247 13.60 -22.39 7.53
CA ALA A 247 13.51 -22.35 9.02
C ALA A 247 14.16 -23.62 9.59
N ARG A 248 13.82 -24.77 9.03
CA ARG A 248 14.28 -26.08 9.56
C ARG A 248 15.81 -26.16 9.45
N ALA A 249 16.32 -25.73 8.30
CA ALA A 249 17.75 -25.77 7.92
C ALA A 249 18.57 -24.96 8.92
N ARG A 250 18.03 -23.89 9.50
CA ARG A 250 18.84 -23.05 10.44
C ARG A 250 18.48 -23.33 11.91
N GLY A 251 17.60 -24.31 12.20
CA GLY A 251 17.16 -24.67 13.55
C GLY A 251 16.28 -23.59 14.19
N ALA A 252 15.48 -22.88 13.40
CA ALA A 252 14.67 -21.76 13.94
C ALA A 252 13.62 -22.34 14.89
N ARG A 253 13.31 -21.61 15.95
CA ARG A 253 12.08 -21.81 16.73
C ARG A 253 10.90 -21.40 15.87
N ILE A 254 9.95 -22.31 15.65
CA ILE A 254 8.73 -22.02 14.85
C ILE A 254 7.54 -21.85 15.79
N TYR A 255 6.91 -20.69 15.79
CA TYR A 255 5.73 -20.43 16.65
C TYR A 255 4.49 -21.18 16.12
N ALA A 256 4.27 -21.14 14.81
CA ALA A 256 3.05 -21.66 14.17
C ALA A 256 3.28 -21.61 12.67
N GLU A 257 2.41 -22.26 11.92
CA GLU A 257 2.45 -22.24 10.44
C GLU A 257 1.32 -21.34 9.99
N LEU A 258 1.58 -20.51 8.98
N LEU A 258 1.57 -20.54 8.96
CA LEU A 258 0.55 -19.71 8.27
CA LEU A 258 0.55 -19.71 8.26
C LEU A 258 0.03 -20.57 7.11
C LEU A 258 0.02 -20.53 7.09
N VAL A 259 -1.16 -21.16 7.26
CA VAL A 259 -1.70 -22.13 6.26
C VAL A 259 -2.69 -21.51 5.27
N GLY A 260 -3.29 -20.37 5.57
CA GLY A 260 -4.40 -19.88 4.76
C GLY A 260 -4.44 -18.38 4.76
N PHE A 261 -4.78 -17.82 3.61
CA PHE A 261 -5.00 -16.37 3.43
C PHE A 261 -6.15 -16.20 2.46
N GLY A 262 -7.08 -15.34 2.85
CA GLY A 262 -8.21 -14.97 2.00
C GLY A 262 -8.36 -13.46 1.93
N MET A 263 -8.80 -13.03 0.77
CA MET A 263 -9.23 -11.64 0.52
C MET A 263 -10.58 -11.69 -0.16
N SER A 264 -11.33 -10.62 -0.01
CA SER A 264 -12.54 -10.41 -0.83
C SER A 264 -12.88 -8.93 -0.73
N GLY A 265 -13.68 -8.44 -1.68
CA GLY A 265 -14.31 -7.11 -1.57
C GLY A 265 -15.80 -7.27 -1.37
N ASP A 266 -16.37 -6.50 -0.47
CA ASP A 266 -17.84 -6.44 -0.25
C ASP A 266 -18.52 -5.86 -1.49
N ALA A 267 -17.91 -4.87 -2.14
CA ALA A 267 -18.54 -4.14 -3.25
C ALA A 267 -19.92 -3.62 -2.81
N PHE A 268 -20.00 -3.10 -1.60
CA PHE A 268 -21.27 -2.70 -0.94
C PHE A 268 -21.29 -1.19 -0.63
N HIS A 269 -20.38 -0.69 0.20
CA HIS A 269 -20.46 0.69 0.75
C HIS A 269 -19.04 1.13 1.13
N MET A 270 -18.77 2.43 1.02
CA MET A 270 -17.44 3.03 1.29
C MET A 270 -17.00 2.71 2.72
N THR A 271 -17.93 2.68 3.70
CA THR A 271 -17.55 2.57 5.12
C THR A 271 -18.37 1.52 5.87
N ALA A 272 -19.58 1.22 5.42
CA ALA A 272 -20.49 0.32 6.15
C ALA A 272 -20.32 -1.10 5.64
N PRO A 273 -20.28 -2.11 6.55
CA PRO A 273 -20.27 -3.50 6.13
C PRO A 273 -21.70 -3.92 5.81
N PRO A 274 -21.94 -4.84 4.88
CA PRO A 274 -23.29 -5.34 4.69
C PRO A 274 -23.73 -6.03 6.00
N GLU A 275 -24.99 -5.87 6.38
CA GLU A 275 -25.58 -6.45 7.62
C GLU A 275 -25.37 -7.97 7.71
N ASP A 276 -25.38 -8.68 6.58
CA ASP A 276 -25.30 -10.16 6.55
C ASP A 276 -23.84 -10.65 6.53
N GLY A 277 -22.85 -9.75 6.49
CA GLY A 277 -21.43 -10.11 6.45
C GLY A 277 -21.05 -10.94 5.23
N ALA A 278 -21.73 -10.76 4.09
CA ALA A 278 -21.54 -11.61 2.89
C ALA A 278 -20.07 -11.60 2.43
N GLY A 279 -19.42 -10.43 2.37
CA GLY A 279 -18.02 -10.29 1.90
C GLY A 279 -17.05 -10.91 2.88
N ALA A 280 -17.27 -10.72 4.19
CA ALA A 280 -16.50 -11.38 5.26
C ALA A 280 -16.60 -12.92 5.16
N ALA A 281 -17.80 -13.44 4.87
CA ALA A 281 -18.01 -14.89 4.72
C ALA A 281 -17.24 -15.37 3.50
N ARG A 282 -17.35 -14.65 2.39
CA ARG A 282 -16.61 -15.02 1.15
C ARG A 282 -15.12 -15.08 1.49
N CYS A 283 -14.64 -14.08 2.22
CA CYS A 283 -13.20 -13.97 2.56
C CYS A 283 -12.75 -15.15 3.44
N MET A 284 -13.51 -15.51 4.48
CA MET A 284 -13.15 -16.64 5.36
C MET A 284 -13.18 -17.96 4.59
N LYS A 285 -14.16 -18.14 3.73
CA LYS A 285 -14.28 -19.37 2.92
C LYS A 285 -13.05 -19.46 2.01
N ASN A 286 -12.65 -18.36 1.38
CA ASN A 286 -11.42 -18.36 0.52
C ASN A 286 -10.24 -18.83 1.37
N ALA A 287 -10.09 -18.27 2.58
CA ALA A 287 -8.96 -18.60 3.48
C ALA A 287 -9.03 -20.09 3.89
N LEU A 288 -10.22 -20.65 4.16
CA LEU A 288 -10.31 -22.02 4.71
C LEU A 288 -9.98 -23.00 3.57
N ARG A 289 -10.47 -22.69 2.37
CA ARG A 289 -10.16 -23.48 1.15
C ARG A 289 -8.66 -23.40 0.81
N ASP A 290 -8.06 -22.22 0.93
CA ASP A 290 -6.61 -21.97 0.76
C ASP A 290 -5.82 -22.84 1.75
N ALA A 291 -6.32 -23.05 2.96
CA ALA A 291 -5.65 -23.84 4.01
C ALA A 291 -5.97 -25.35 3.89
N GLY A 292 -6.88 -25.74 3.00
CA GLY A 292 -7.31 -27.14 2.81
C GLY A 292 -8.05 -27.65 4.03
N LEU A 293 -8.86 -26.81 4.69
CA LEU A 293 -9.49 -27.12 5.99
C LEU A 293 -11.00 -27.33 5.81
N ASP A 294 -11.50 -28.27 6.59
CA ASP A 294 -12.92 -28.34 7.00
C ASP A 294 -13.15 -27.20 7.98
N PRO A 295 -14.21 -26.38 7.85
CA PRO A 295 -14.48 -25.30 8.80
C PRO A 295 -14.53 -25.78 10.26
N ARG A 296 -14.97 -27.03 10.50
CA ARG A 296 -14.98 -27.60 11.87
C ARG A 296 -13.56 -27.66 12.48
N GLN A 297 -12.50 -27.48 11.71
CA GLN A 297 -11.13 -27.54 12.29
C GLN A 297 -10.86 -26.23 13.02
N VAL A 298 -11.64 -25.18 12.76
CA VAL A 298 -11.37 -23.84 13.36
C VAL A 298 -11.76 -23.89 14.85
N ASP A 299 -10.80 -23.60 15.73
CA ASP A 299 -11.00 -23.57 17.20
C ASP A 299 -11.19 -22.16 17.73
N TYR A 300 -10.43 -21.18 17.20
CA TYR A 300 -10.42 -19.80 17.77
C TYR A 300 -10.44 -18.80 16.62
N ILE A 301 -11.28 -17.79 16.75
CA ILE A 301 -11.29 -16.64 15.80
C ILE A 301 -10.94 -15.37 16.56
N ASN A 302 -9.86 -14.70 16.17
CA ASN A 302 -9.60 -13.31 16.61
C ASN A 302 -10.43 -12.46 15.65
N ALA A 303 -11.60 -12.02 16.12
CA ALA A 303 -12.55 -11.20 15.32
C ALA A 303 -11.92 -9.86 14.96
N HIS A 304 -12.43 -9.22 13.93
CA HIS A 304 -12.18 -7.76 13.75
C HIS A 304 -12.77 -7.03 14.96
N GLY A 305 -14.06 -7.29 15.24
CA GLY A 305 -14.74 -6.86 16.48
C GLY A 305 -14.40 -5.42 16.90
N THR A 306 -14.80 -4.42 16.13
CA THR A 306 -14.37 -3.01 16.33
C THR A 306 -15.22 -2.29 17.39
N SER A 307 -16.36 -2.86 17.82
CA SER A 307 -17.32 -2.18 18.74
C SER A 307 -18.15 -1.13 17.98
N THR A 308 -18.42 -1.37 16.71
CA THR A 308 -19.43 -0.58 15.96
C THR A 308 -20.71 -1.39 15.94
N PRO A 309 -21.86 -0.70 15.98
CA PRO A 309 -23.17 -1.36 15.83
C PRO A 309 -23.21 -2.31 14.62
N ALA A 310 -22.90 -1.85 13.41
CA ALA A 310 -23.09 -2.67 12.19
C ALA A 310 -21.93 -3.66 12.02
N GLY A 311 -20.70 -3.27 12.30
CA GLY A 311 -19.56 -4.18 12.09
C GLY A 311 -19.65 -5.45 12.92
N ASP A 312 -19.93 -5.32 14.22
CA ASP A 312 -19.92 -6.45 15.18
C ASP A 312 -21.00 -7.45 14.77
N ILE A 313 -22.18 -6.98 14.42
CA ILE A 313 -23.30 -7.89 14.07
C ILE A 313 -23.02 -8.57 12.70
N ALA A 314 -22.45 -7.86 11.71
CA ALA A 314 -22.09 -8.42 10.39
C ALA A 314 -21.13 -9.62 10.58
N GLU A 315 -20.20 -9.50 11.53
CA GLU A 315 -19.20 -10.57 11.80
C GLU A 315 -19.89 -11.78 12.39
N ILE A 316 -20.84 -11.61 13.30
CA ILE A 316 -21.61 -12.78 13.83
C ILE A 316 -22.30 -13.46 12.65
N ALA A 317 -22.95 -12.69 11.78
CA ALA A 317 -23.73 -13.22 10.65
C ALA A 317 -22.77 -14.00 9.75
N ALA A 318 -21.54 -13.50 9.52
CA ALA A 318 -20.55 -14.14 8.62
C ALA A 318 -20.07 -15.44 9.24
N VAL A 319 -19.72 -15.42 10.53
CA VAL A 319 -19.22 -16.63 11.22
C VAL A 319 -20.32 -17.71 11.21
N LYS A 320 -21.57 -17.36 11.53
CA LYS A 320 -22.72 -18.32 11.49
C LYS A 320 -22.89 -18.87 10.07
N SER A 321 -22.74 -18.06 9.04
CA SER A 321 -22.95 -18.51 7.64
C SER A 321 -21.82 -19.48 7.24
N VAL A 322 -20.57 -19.25 7.66
CA VAL A 322 -19.38 -20.04 7.24
C VAL A 322 -19.34 -21.34 8.06
N PHE A 323 -19.64 -21.27 9.34
CA PHE A 323 -19.36 -22.38 10.26
C PHE A 323 -20.62 -23.16 10.63
N GLY A 324 -21.82 -22.67 10.31
CA GLY A 324 -23.07 -23.37 10.65
C GLY A 324 -23.10 -23.75 12.12
N GLU A 325 -23.45 -25.00 12.46
CA GLU A 325 -23.58 -25.48 13.87
C GLU A 325 -22.21 -25.39 14.58
N HIS A 326 -21.10 -25.50 13.86
CA HIS A 326 -19.76 -25.41 14.49
C HIS A 326 -19.53 -23.98 15.00
N ALA A 327 -20.30 -22.99 14.56
CA ALA A 327 -20.18 -21.62 15.08
C ALA A 327 -20.35 -21.59 16.61
N HIS A 328 -21.10 -22.55 17.17
CA HIS A 328 -21.38 -22.71 18.62
C HIS A 328 -20.26 -23.46 19.34
N ALA A 329 -19.26 -24.04 18.65
CA ALA A 329 -18.20 -24.87 19.28
C ALA A 329 -16.87 -24.11 19.32
N LEU A 330 -16.56 -23.32 18.29
CA LEU A 330 -15.33 -22.50 18.28
C LEU A 330 -15.49 -21.38 19.33
N SER A 331 -14.39 -20.73 19.67
CA SER A 331 -14.37 -19.48 20.50
C SER A 331 -13.98 -18.32 19.61
N MET A 332 -14.69 -17.21 19.74
CA MET A 332 -14.39 -15.97 19.00
C MET A 332 -14.27 -14.84 20.00
N SER A 333 -13.21 -14.06 19.94
CA SER A 333 -13.05 -12.90 20.85
C SER A 333 -12.48 -11.72 20.08
N SER A 334 -12.78 -10.52 20.59
CA SER A 334 -12.18 -9.28 20.06
C SER A 334 -11.20 -8.76 21.11
N THR A 335 -9.91 -8.81 20.80
CA THR A 335 -8.87 -8.22 21.67
C THR A 335 -8.93 -6.70 21.56
N LYS A 336 -9.68 -6.14 20.60
CA LYS A 336 -9.96 -4.68 20.52
C LYS A 336 -10.78 -4.21 21.74
N SER A 337 -11.42 -5.12 22.47
CA SER A 337 -12.07 -4.81 23.77
C SER A 337 -11.03 -4.19 24.73
N MET A 338 -9.77 -4.61 24.63
CA MET A 338 -8.63 -4.21 25.52
C MET A 338 -7.67 -3.22 24.83
N THR A 339 -7.35 -3.43 23.54
CA THR A 339 -6.32 -2.64 22.84
C THR A 339 -6.92 -1.44 22.11
N GLY A 340 -8.23 -1.47 21.85
CA GLY A 340 -8.85 -0.57 20.87
C GLY A 340 -8.39 -0.95 19.48
N HIS A 341 -8.71 -0.11 18.51
CA HIS A 341 -8.57 -0.35 17.07
C HIS A 341 -7.30 0.31 16.59
N LEU A 342 -6.26 -0.48 16.30
CA LEU A 342 -4.94 0.01 15.83
C LEU A 342 -4.97 0.22 14.31
N LEU A 343 -6.15 0.13 13.68
CA LEU A 343 -6.36 0.54 12.28
C LEU A 343 -5.41 -0.31 11.43
N GLY A 344 -4.49 0.29 10.68
CA GLY A 344 -3.55 -0.48 9.81
C GLY A 344 -2.74 -1.51 10.57
N ALA A 345 -2.48 -1.30 11.88
CA ALA A 345 -1.69 -2.23 12.71
C ALA A 345 -2.60 -3.28 13.38
N ALA A 346 -3.94 -3.13 13.34
CA ALA A 346 -4.90 -4.07 13.98
C ALA A 346 -4.63 -5.51 13.54
N GLY A 347 -4.51 -5.75 12.24
CA GLY A 347 -4.35 -7.12 11.73
C GLY A 347 -2.98 -7.67 12.13
N ALA A 348 -2.00 -6.81 12.32
CA ALA A 348 -0.63 -7.28 12.67
C ALA A 348 -0.59 -7.71 14.15
N VAL A 349 -1.07 -6.89 15.07
CA VAL A 349 -1.03 -7.26 16.52
C VAL A 349 -1.98 -8.44 16.74
N GLU A 350 -3.11 -8.47 16.02
CA GLU A 350 -4.10 -9.54 16.17
C GLU A 350 -3.59 -10.85 15.56
N ALA A 351 -2.80 -10.82 14.49
CA ALA A 351 -2.14 -12.06 14.01
C ALA A 351 -1.22 -12.60 15.12
N ILE A 352 -0.46 -11.73 15.77
CA ILE A 352 0.48 -12.14 16.85
C ILE A 352 -0.36 -12.76 17.99
N PHE A 353 -1.49 -12.15 18.37
CA PHE A 353 -2.32 -12.67 19.48
C PHE A 353 -2.85 -14.04 19.07
N SER A 354 -3.19 -14.23 17.77
CA SER A 354 -3.70 -15.50 17.24
C SER A 354 -2.62 -16.59 17.34
N VAL A 355 -1.37 -16.24 17.03
CA VAL A 355 -0.24 -17.19 17.14
C VAL A 355 -0.01 -17.52 18.63
N LEU A 356 -0.11 -16.54 19.51
CA LEU A 356 0.09 -16.78 20.96
C LEU A 356 -1.08 -17.57 21.53
N ALA A 357 -2.31 -17.39 21.02
CA ALA A 357 -3.46 -18.24 21.36
C ALA A 357 -3.07 -19.71 21.08
N LEU A 358 -2.41 -19.96 19.94
CA LEU A 358 -1.95 -21.31 19.56
C LEU A 358 -0.85 -21.77 20.54
N ARG A 359 0.17 -20.97 20.78
CA ARG A 359 1.32 -21.37 21.64
C ARG A 359 0.79 -21.74 23.03
N ASP A 360 -0.11 -20.93 23.60
CA ASP A 360 -0.49 -21.01 25.04
C ASP A 360 -1.80 -21.78 25.24
N GLN A 361 -2.51 -22.15 24.17
CA GLN A 361 -3.80 -22.88 24.25
C GLN A 361 -4.78 -22.11 25.13
N VAL A 362 -4.99 -20.85 24.79
CA VAL A 362 -5.93 -19.96 25.52
C VAL A 362 -6.58 -18.99 24.53
N ALA A 363 -7.90 -18.89 24.60
CA ALA A 363 -8.68 -17.83 23.93
C ALA A 363 -8.65 -16.58 24.80
N PRO A 364 -8.12 -15.47 24.28
CA PRO A 364 -8.23 -14.17 24.98
C PRO A 364 -9.67 -13.75 25.16
N PRO A 365 -9.96 -12.95 26.22
CA PRO A 365 -11.32 -12.48 26.46
C PRO A 365 -11.74 -11.34 25.53
N THR A 366 -13.04 -11.20 25.32
CA THR A 366 -13.68 -9.92 24.92
C THR A 366 -14.11 -9.25 26.23
N ILE A 367 -13.34 -8.33 26.77
CA ILE A 367 -13.80 -7.61 27.99
C ILE A 367 -14.96 -6.68 27.64
N ASN A 368 -15.69 -6.27 28.68
CA ASN A 368 -16.81 -5.31 28.59
C ASN A 368 -18.06 -5.90 27.94
N LEU A 369 -18.11 -7.20 27.69
CA LEU A 369 -19.28 -7.87 27.07
C LEU A 369 -20.30 -8.19 28.16
N ASP A 370 -20.94 -7.14 28.69
CA ASP A 370 -21.84 -7.23 29.88
C ASP A 370 -23.19 -7.75 29.39
N ASN A 371 -23.68 -7.23 28.27
CA ASN A 371 -25.03 -7.57 27.72
C ASN A 371 -24.90 -7.81 26.21
N PRO A 372 -24.61 -9.08 25.81
CA PRO A 372 -24.48 -9.42 24.41
C PRO A 372 -25.74 -8.96 23.68
N ASP A 373 -25.57 -8.34 22.53
CA ASP A 373 -26.68 -7.80 21.72
C ASP A 373 -27.50 -8.94 21.11
N GLU A 374 -28.61 -8.59 20.46
CA GLU A 374 -29.49 -9.55 19.73
C GLU A 374 -28.64 -10.37 18.75
N GLY A 375 -28.75 -11.71 18.86
CA GLY A 375 -28.10 -12.70 17.99
C GLY A 375 -26.62 -12.88 18.26
N CYS A 376 -26.01 -12.18 19.22
CA CYS A 376 -24.57 -12.29 19.57
C CYS A 376 -24.43 -13.40 20.63
N ASP A 377 -24.82 -14.62 20.25
CA ASP A 377 -25.06 -15.74 21.20
C ASP A 377 -24.03 -16.85 20.94
N LEU A 378 -22.87 -16.52 20.36
CA LEU A 378 -21.74 -17.45 20.23
C LEU A 378 -20.93 -17.45 21.52
N ASP A 379 -19.94 -18.35 21.61
CA ASP A 379 -18.88 -18.22 22.62
C ASP A 379 -17.97 -17.02 22.24
N LEU A 380 -18.25 -15.85 22.79
CA LEU A 380 -17.45 -14.62 22.60
C LEU A 380 -16.42 -14.43 23.71
N VAL A 381 -16.15 -15.45 24.51
CA VAL A 381 -15.12 -15.44 25.58
C VAL A 381 -15.32 -14.19 26.45
N ALA A 382 -16.55 -13.93 26.86
CA ALA A 382 -16.91 -12.74 27.66
C ALA A 382 -16.02 -12.66 28.92
N HIS A 383 -15.46 -11.47 29.19
CA HIS A 383 -14.83 -11.05 30.48
C HIS A 383 -13.47 -11.71 30.73
N GLU A 384 -13.33 -13.03 30.58
CA GLU A 384 -12.16 -13.78 31.11
C GLU A 384 -11.61 -14.74 30.07
N ALA A 385 -10.28 -14.81 30.00
CA ALA A 385 -9.51 -15.71 29.13
C ALA A 385 -10.00 -17.14 29.37
N LYS A 386 -10.14 -17.92 28.29
CA LYS A 386 -10.65 -19.32 28.33
C LYS A 386 -9.58 -20.27 27.83
N PRO A 387 -8.88 -21.01 28.72
CA PRO A 387 -8.00 -22.07 28.27
C PRO A 387 -8.81 -23.12 27.52
N ARG A 388 -8.29 -23.64 26.42
CA ARG A 388 -9.01 -24.57 25.53
C ARG A 388 -8.06 -25.08 24.46
N LYS A 389 -8.49 -26.15 23.80
CA LYS A 389 -7.76 -26.76 22.67
C LYS A 389 -7.89 -25.79 21.48
N ILE A 390 -6.74 -25.41 20.93
CA ILE A 390 -6.69 -24.55 19.72
C ILE A 390 -5.62 -25.13 18.80
N ASP A 391 -6.06 -25.77 17.73
CA ASP A 391 -5.12 -26.27 16.68
C ASP A 391 -5.09 -25.28 15.52
N VAL A 392 -6.22 -24.65 15.24
CA VAL A 392 -6.40 -23.68 14.12
C VAL A 392 -7.00 -22.40 14.68
N ALA A 393 -6.36 -21.29 14.36
CA ALA A 393 -6.79 -19.93 14.73
C ALA A 393 -6.94 -19.12 13.44
N LEU A 394 -8.02 -18.35 13.37
N LEU A 394 -8.08 -18.45 13.32
CA LEU A 394 -8.34 -17.44 12.24
CA LEU A 394 -8.35 -17.40 12.29
C LEU A 394 -8.35 -15.99 12.76
C LEU A 394 -8.09 -16.02 12.88
N SER A 395 -7.71 -15.07 12.04
CA SER A 395 -7.71 -13.64 12.35
C SER A 395 -8.39 -12.89 11.21
N ASN A 396 -9.44 -12.12 11.50
CA ASN A 396 -10.21 -11.40 10.47
C ASN A 396 -9.95 -9.90 10.58
N SER A 397 -9.92 -9.24 9.43
CA SER A 397 -9.96 -7.77 9.34
C SER A 397 -10.89 -7.40 8.20
N PHE A 398 -11.65 -6.32 8.40
N PHE A 398 -11.75 -6.41 8.41
CA PHE A 398 -12.58 -5.70 7.44
CA PHE A 398 -12.45 -5.71 7.31
C PHE A 398 -12.31 -4.18 7.45
C PHE A 398 -12.07 -4.23 7.39
N GLY A 399 -12.29 -3.52 6.29
CA GLY A 399 -11.89 -2.10 6.21
C GLY A 399 -12.79 -1.32 5.30
N PHE A 400 -12.69 0.00 5.41
CA PHE A 400 -13.28 0.94 4.44
C PHE A 400 -12.89 0.52 3.02
N GLY A 401 -13.79 0.77 2.08
CA GLY A 401 -13.69 0.23 0.71
C GLY A 401 -14.25 -1.18 0.59
N GLY A 402 -14.76 -1.73 1.67
CA GLY A 402 -15.31 -3.10 1.70
C GLY A 402 -14.19 -4.12 1.54
N THR A 403 -13.01 -3.85 2.08
N THR A 403 -13.00 -3.77 2.04
CA THR A 403 -11.81 -4.69 1.85
CA THR A 403 -11.79 -4.61 1.99
C THR A 403 -11.60 -5.63 3.05
C THR A 403 -11.90 -5.67 3.09
N ASN A 404 -11.58 -6.93 2.77
CA ASN A 404 -11.59 -8.03 3.75
C ASN A 404 -10.32 -8.87 3.62
N GLY A 405 -9.80 -9.27 4.77
CA GLY A 405 -8.68 -10.21 4.86
C GLY A 405 -8.87 -11.21 5.96
N THR A 406 -8.44 -12.44 5.73
CA THR A 406 -8.50 -13.49 6.76
C THR A 406 -7.17 -14.23 6.74
N LEU A 407 -6.56 -14.43 7.89
CA LEU A 407 -5.35 -15.28 8.01
C LEU A 407 -5.69 -16.52 8.81
N VAL A 408 -5.18 -17.68 8.40
CA VAL A 408 -5.37 -18.97 9.08
C VAL A 408 -4.00 -19.48 9.52
N PHE A 409 -3.86 -19.65 10.83
CA PHE A 409 -2.65 -20.17 11.49
C PHE A 409 -2.98 -21.53 12.07
N ARG A 410 -1.99 -22.42 12.13
CA ARG A 410 -2.18 -23.69 12.86
C ARG A 410 -0.89 -24.06 13.58
N ARG A 411 -1.03 -24.87 14.63
CA ARG A 411 0.12 -25.45 15.36
C ARG A 411 1.07 -26.14 14.37
N PHE A 412 2.36 -26.00 14.60
CA PHE A 412 3.38 -26.72 13.80
C PHE A 412 4.07 -27.75 14.71
N ALA A 413 4.16 -29.01 14.25
CA ALA A 413 4.79 -30.15 14.98
C ALA A 413 6.25 -30.33 14.53
N SER B 2 3.29 -24.63 -12.14
CA SER B 2 3.38 -23.66 -13.26
C SER B 2 2.54 -22.40 -12.95
N ARG B 3 2.21 -21.64 -14.01
CA ARG B 3 1.78 -20.22 -13.94
C ARG B 3 0.96 -19.86 -15.18
N ARG B 4 -0.11 -19.10 -15.02
CA ARG B 4 -0.94 -18.67 -16.18
C ARG B 4 -0.36 -17.39 -16.80
N ARG B 5 -0.64 -17.20 -18.08
CA ARG B 5 -0.17 -16.04 -18.83
C ARG B 5 -1.13 -14.87 -18.59
N VAL B 6 -0.57 -13.67 -18.58
CA VAL B 6 -1.31 -12.42 -18.26
C VAL B 6 -1.18 -11.47 -19.45
N VAL B 7 -2.30 -10.95 -19.94
CA VAL B 7 -2.27 -9.99 -21.05
C VAL B 7 -2.97 -8.69 -20.64
N ILE B 8 -2.71 -7.65 -21.41
CA ILE B 8 -3.31 -6.28 -21.24
C ILE B 8 -4.43 -6.11 -22.26
N THR B 9 -5.67 -5.92 -21.78
CA THR B 9 -6.86 -5.88 -22.67
C THR B 9 -7.51 -4.50 -22.63
N GLY B 10 -7.08 -3.62 -21.73
CA GLY B 10 -7.71 -2.30 -21.56
C GLY B 10 -6.77 -1.34 -20.85
N MET B 11 -6.78 -0.08 -21.28
CA MET B 11 -5.89 0.95 -20.67
C MET B 11 -6.67 2.26 -20.55
N GLY B 12 -6.33 3.03 -19.52
CA GLY B 12 -6.96 4.31 -19.17
C GLY B 12 -5.97 5.26 -18.55
N MET B 13 -6.14 6.56 -18.73
CA MET B 13 -5.10 7.52 -18.31
C MET B 13 -5.69 8.92 -18.17
N LEU B 14 -5.16 9.66 -17.19
CA LEU B 14 -5.14 11.14 -17.15
C LEU B 14 -3.67 11.52 -17.03
N SER B 15 -3.21 12.43 -17.86
CA SER B 15 -1.80 12.89 -17.74
C SER B 15 -1.76 14.38 -18.01
N PRO B 16 -0.59 15.02 -17.78
CA PRO B 16 -0.39 16.39 -18.23
C PRO B 16 -0.50 16.57 -19.75
N LEU B 17 -0.48 15.48 -20.52
CA LEU B 17 -0.55 15.58 -22.01
C LEU B 17 -1.98 15.38 -22.48
N GLY B 18 -2.87 14.86 -21.62
CA GLY B 18 -4.20 14.51 -22.16
C GLY B 18 -5.11 13.83 -21.18
N LEU B 19 -6.40 13.79 -21.51
CA LEU B 19 -7.44 13.28 -20.61
C LEU B 19 -7.77 11.83 -20.96
N ASP B 20 -6.98 11.19 -21.82
CA ASP B 20 -7.15 9.75 -22.10
C ASP B 20 -5.85 9.24 -22.70
N VAL B 21 -5.82 7.96 -23.05
CA VAL B 21 -4.58 7.34 -23.56
C VAL B 21 -4.22 7.93 -24.92
N PRO B 22 -5.10 7.91 -25.94
CA PRO B 22 -4.69 8.30 -27.28
C PRO B 22 -4.21 9.76 -27.36
N SER B 23 -4.88 10.67 -26.65
CA SER B 23 -4.44 12.09 -26.61
C SER B 23 -3.06 12.16 -25.93
N SER B 24 -2.86 11.47 -24.80
CA SER B 24 -1.57 11.49 -24.09
C SER B 24 -0.47 10.96 -25.02
N TRP B 25 -0.73 9.81 -25.66
CA TRP B 25 0.26 9.12 -26.53
C TRP B 25 0.62 10.01 -27.73
N GLU B 26 -0.36 10.71 -28.28
CA GLU B 26 -0.14 11.64 -29.42
C GLU B 26 0.87 12.70 -28.97
N GLY B 27 0.73 13.23 -27.74
CA GLY B 27 1.65 14.23 -27.18
C GLY B 27 3.04 13.64 -27.06
N ILE B 28 3.13 12.39 -26.60
CA ILE B 28 4.40 11.67 -26.33
C ILE B 28 5.19 11.56 -27.64
N LEU B 29 4.54 11.07 -28.68
CA LEU B 29 5.20 10.84 -29.99
C LEU B 29 5.55 12.17 -30.67
N ALA B 30 4.87 13.28 -30.34
CA ALA B 30 5.17 14.63 -30.88
C ALA B 30 6.20 15.37 -30.01
N GLY B 31 6.67 14.79 -28.92
CA GLY B 31 7.67 15.45 -28.05
C GLY B 31 7.09 16.67 -27.34
N ARG B 32 5.78 16.70 -27.13
CA ARG B 32 5.10 17.83 -26.45
C ARG B 32 5.35 17.74 -24.93
N SER B 33 5.54 18.88 -24.30
CA SER B 33 5.63 19.05 -22.82
C SER B 33 4.24 19.35 -22.26
N GLY B 34 3.86 18.70 -21.16
CA GLY B 34 2.66 19.07 -20.40
C GLY B 34 2.99 19.92 -19.19
N ILE B 35 4.22 20.49 -19.13
CA ILE B 35 4.69 21.23 -17.93
C ILE B 35 4.44 22.73 -18.12
N ALA B 36 3.92 23.38 -17.10
CA ALA B 36 3.56 24.80 -17.12
C ALA B 36 3.45 25.32 -15.69
N PRO B 37 3.46 26.66 -15.50
CA PRO B 37 3.22 27.22 -14.18
C PRO B 37 1.85 26.73 -13.69
N ILE B 38 1.81 26.42 -12.42
CA ILE B 38 0.58 25.94 -11.74
C ILE B 38 -0.34 27.12 -11.50
N GLU B 39 -1.61 27.01 -11.87
CA GLU B 39 -2.56 28.13 -11.74
C GLU B 39 -3.45 27.91 -10.51
N HIS B 40 -4.23 28.95 -10.17
CA HIS B 40 -5.27 28.96 -9.11
C HIS B 40 -4.61 28.56 -7.79
N MET B 41 -3.41 29.07 -7.58
CA MET B 41 -2.57 28.74 -6.40
C MET B 41 -1.50 29.82 -6.23
N ASP B 42 -1.33 30.37 -5.02
CA ASP B 42 -0.29 31.41 -4.77
C ASP B 42 1.01 30.69 -4.40
N LEU B 43 1.92 30.53 -5.35
CA LEU B 43 3.21 29.82 -5.13
C LEU B 43 4.35 30.86 -5.01
N SER B 44 4.06 32.12 -4.70
CA SER B 44 5.08 33.22 -4.60
C SER B 44 6.25 32.82 -3.69
N ALA B 45 5.98 32.29 -2.52
CA ALA B 45 7.03 31.99 -1.53
C ALA B 45 7.75 30.66 -1.86
N TYR B 46 7.32 29.96 -2.91
CA TYR B 46 7.84 28.62 -3.28
C TYR B 46 8.99 28.75 -4.28
N SER B 47 10.00 27.89 -4.18
CA SER B 47 11.18 27.89 -5.10
C SER B 47 10.86 27.19 -6.43
N THR B 48 9.78 26.40 -6.49
CA THR B 48 9.23 25.80 -7.74
C THR B 48 7.76 26.24 -7.90
N ARG B 49 7.39 26.76 -9.07
CA ARG B 49 6.03 27.34 -9.30
C ARG B 49 5.37 26.68 -10.52
N PHE B 50 5.93 25.55 -10.96
CA PHE B 50 5.45 24.85 -12.17
C PHE B 50 5.36 23.34 -11.88
N GLY B 51 4.71 22.65 -12.80
CA GLY B 51 4.58 21.18 -12.79
C GLY B 51 3.67 20.71 -13.91
N GLY B 52 3.30 19.42 -13.85
CA GLY B 52 2.41 18.75 -14.81
C GLY B 52 1.00 18.63 -14.25
N SER B 53 0.11 19.58 -14.55
CA SER B 53 -1.29 19.55 -14.06
C SER B 53 -2.12 18.76 -15.06
N VAL B 54 -3.18 18.08 -14.61
CA VAL B 54 -4.22 17.58 -15.54
C VAL B 54 -5.05 18.79 -15.97
N LYS B 55 -5.22 19.03 -17.26
CA LYS B 55 -5.94 20.20 -17.81
C LYS B 55 -7.35 19.85 -18.31
N GLY B 56 -8.35 20.50 -17.73
CA GLY B 56 -9.77 20.41 -18.16
C GLY B 56 -10.46 19.12 -17.72
N PHE B 57 -10.01 18.49 -16.63
CA PHE B 57 -10.62 17.23 -16.14
C PHE B 57 -12.05 17.53 -15.71
N ASN B 58 -12.97 16.72 -16.22
CA ASN B 58 -14.42 16.80 -15.95
C ASN B 58 -14.84 15.52 -15.23
N VAL B 59 -14.85 15.55 -13.89
CA VAL B 59 -15.20 14.37 -13.04
C VAL B 59 -16.66 13.97 -13.28
N GLU B 60 -17.53 14.89 -13.72
CA GLU B 60 -18.96 14.54 -13.95
C GLU B 60 -19.13 13.64 -15.20
N GLU B 61 -18.09 13.42 -16.00
CA GLU B 61 -18.17 12.32 -17.01
C GLU B 61 -18.17 10.95 -16.32
N TYR B 62 -17.76 10.88 -15.05
CA TYR B 62 -17.56 9.60 -14.31
C TYR B 62 -18.50 9.48 -13.12
N LEU B 63 -18.64 10.56 -12.36
CA LEU B 63 -19.33 10.58 -11.05
C LEU B 63 -20.35 11.69 -11.06
N SER B 64 -21.37 11.54 -10.21
CA SER B 64 -22.30 12.63 -9.85
C SER B 64 -21.51 13.69 -9.07
N ALA B 65 -21.96 14.95 -9.08
CA ALA B 65 -21.29 16.05 -8.33
C ALA B 65 -21.20 15.62 -6.87
N LYS B 66 -22.23 14.97 -6.37
CA LYS B 66 -22.32 14.60 -4.95
C LYS B 66 -21.24 13.57 -4.61
N GLU B 67 -21.08 12.52 -5.40
N GLU B 67 -21.15 12.49 -5.42
CA GLU B 67 -20.06 11.47 -5.12
CA GLU B 67 -20.11 11.43 -5.37
C GLU B 67 -18.65 12.07 -5.32
C GLU B 67 -18.73 12.09 -5.32
N ALA B 68 -18.46 12.95 -6.31
CA ALA B 68 -17.15 13.61 -6.51
C ALA B 68 -16.77 14.51 -5.33
N ARG B 69 -17.73 15.17 -4.69
CA ARG B 69 -17.46 16.09 -3.53
C ARG B 69 -16.86 15.29 -2.37
N LYS B 70 -17.09 13.98 -2.31
CA LYS B 70 -16.64 13.14 -1.16
C LYS B 70 -15.19 12.67 -1.33
N LEU B 71 -14.59 12.84 -2.51
CA LEU B 71 -13.34 12.15 -2.90
C LEU B 71 -12.24 13.16 -3.24
N ASP B 72 -11.05 12.95 -2.68
CA ASP B 72 -9.83 13.71 -3.07
C ASP B 72 -9.65 13.61 -4.59
N LEU B 73 -9.02 14.62 -5.17
CA LEU B 73 -8.62 14.62 -6.60
C LEU B 73 -7.85 13.34 -6.97
N PHE B 74 -6.91 12.84 -6.15
CA PHE B 74 -6.12 11.62 -6.54
C PHE B 74 -7.09 10.45 -6.75
N ILE B 75 -8.14 10.36 -5.95
CA ILE B 75 -9.16 9.27 -6.08
C ILE B 75 -9.97 9.49 -7.35
N GLN B 76 -10.43 10.72 -7.59
CA GLN B 76 -11.18 11.06 -8.81
C GLN B 76 -10.32 10.62 -10.02
N TYR B 77 -9.03 10.95 -10.00
CA TYR B 77 -8.15 10.67 -11.15
C TYR B 77 -8.01 9.15 -11.31
N GLY B 78 -7.80 8.43 -10.21
CA GLY B 78 -7.67 6.97 -10.28
C GLY B 78 -8.94 6.32 -10.80
N LEU B 79 -10.12 6.81 -10.40
CA LEU B 79 -11.41 6.29 -10.89
C LEU B 79 -11.56 6.60 -12.37
N ALA B 80 -11.23 7.80 -12.82
CA ALA B 80 -11.30 8.14 -14.27
C ALA B 80 -10.45 7.13 -15.08
N ALA B 81 -9.18 6.94 -14.72
CA ALA B 81 -8.29 5.98 -15.45
C ALA B 81 -8.92 4.58 -15.44
N SER B 82 -9.39 4.13 -14.27
CA SER B 82 -9.95 2.78 -14.04
C SER B 82 -11.19 2.56 -14.88
N PHE B 83 -12.13 3.52 -14.89
CA PHE B 83 -13.37 3.40 -15.69
C PHE B 83 -12.97 3.33 -17.17
N GLN B 84 -12.00 4.16 -17.57
CA GLN B 84 -11.56 4.18 -18.99
C GLN B 84 -11.01 2.79 -19.34
N ALA B 85 -10.21 2.21 -18.47
CA ALA B 85 -9.50 0.94 -18.72
C ALA B 85 -10.55 -0.18 -18.87
N VAL B 86 -11.49 -0.21 -17.94
CA VAL B 86 -12.55 -1.23 -17.93
C VAL B 86 -13.41 -1.09 -19.21
N ARG B 87 -13.87 0.11 -19.53
CA ARG B 87 -14.56 0.38 -20.82
C ARG B 87 -13.71 -0.13 -22.00
N ASP B 88 -12.44 0.24 -22.07
CA ASP B 88 -11.51 -0.12 -23.17
C ASP B 88 -11.45 -1.65 -23.31
N SER B 89 -11.57 -2.39 -22.22
CA SER B 89 -11.35 -3.85 -22.22
C SER B 89 -12.56 -4.57 -22.84
N GLY B 90 -13.74 -3.96 -22.76
CA GLY B 90 -15.01 -4.58 -23.24
C GLY B 90 -15.53 -5.59 -22.23
N LEU B 91 -14.86 -5.77 -21.10
CA LEU B 91 -15.24 -6.83 -20.14
C LEU B 91 -16.67 -6.60 -19.64
N GLU B 92 -17.43 -7.68 -19.57
CA GLU B 92 -18.79 -7.69 -18.98
C GLU B 92 -18.67 -8.36 -17.61
N VAL B 93 -18.92 -7.61 -16.53
CA VAL B 93 -18.99 -8.16 -15.16
C VAL B 93 -20.36 -8.81 -14.95
N THR B 94 -20.38 -10.03 -14.42
CA THR B 94 -21.60 -10.85 -14.18
C THR B 94 -21.51 -11.50 -12.81
N ASP B 95 -22.61 -12.06 -12.34
CA ASP B 95 -22.62 -12.87 -11.12
C ASP B 95 -21.64 -14.04 -11.30
N ALA B 96 -21.39 -14.53 -12.51
CA ALA B 96 -20.56 -15.72 -12.76
C ALA B 96 -19.08 -15.35 -12.68
N ASN B 97 -18.69 -14.07 -12.79
CA ASN B 97 -17.25 -13.74 -12.79
C ASN B 97 -16.87 -12.66 -11.77
N ARG B 98 -17.81 -12.07 -11.04
CA ARG B 98 -17.47 -10.86 -10.25
C ARG B 98 -16.52 -11.25 -9.10
N GLU B 99 -16.51 -12.50 -8.63
CA GLU B 99 -15.57 -12.90 -7.56
C GLU B 99 -14.16 -13.06 -8.14
N ARG B 100 -14.00 -13.07 -9.47
CA ARG B 100 -12.69 -13.32 -10.12
C ARG B 100 -12.10 -12.00 -10.64
N ILE B 101 -12.73 -10.86 -10.35
CA ILE B 101 -12.29 -9.55 -10.88
C ILE B 101 -11.93 -8.70 -9.67
N GLY B 102 -10.68 -8.27 -9.57
CA GLY B 102 -10.29 -7.42 -8.45
C GLY B 102 -9.64 -6.14 -8.89
N VAL B 103 -9.10 -5.42 -7.91
N VAL B 103 -9.06 -5.41 -7.94
CA VAL B 103 -8.56 -4.03 -8.09
CA VAL B 103 -8.51 -4.06 -8.22
C VAL B 103 -7.32 -3.84 -7.22
C VAL B 103 -7.38 -3.75 -7.23
N SER B 104 -6.29 -3.24 -7.79
CA SER B 104 -5.10 -2.78 -7.05
C SER B 104 -4.65 -1.49 -7.70
N MET B 105 -5.22 -0.39 -7.25
CA MET B 105 -4.89 0.96 -7.66
C MET B 105 -4.27 1.67 -6.45
N GLY B 106 -3.08 2.22 -6.67
CA GLY B 106 -2.28 2.77 -5.59
C GLY B 106 -2.02 4.26 -5.74
N SER B 107 -1.32 4.77 -4.75
CA SER B 107 -0.86 6.18 -4.75
C SER B 107 0.42 6.27 -3.89
N GLY B 108 1.29 7.20 -4.25
CA GLY B 108 2.56 7.45 -3.53
C GLY B 108 2.33 8.28 -2.28
N ILE B 109 1.54 9.34 -2.40
CA ILE B 109 1.38 10.37 -1.34
C ILE B 109 -0.08 10.55 -0.91
N GLY B 110 -1.06 10.18 -1.73
CA GLY B 110 -2.45 10.14 -1.27
C GLY B 110 -3.06 11.54 -1.21
N GLY B 111 -3.93 11.79 -0.23
CA GLY B 111 -4.88 12.92 -0.32
C GLY B 111 -4.34 14.21 0.29
N LEU B 112 -3.17 14.68 -0.13
CA LEU B 112 -2.57 15.95 0.38
C LEU B 112 -3.52 17.14 0.21
N THR B 113 -4.24 17.23 -0.91
CA THR B 113 -5.17 18.36 -1.21
C THR B 113 -6.26 18.39 -0.13
N ASN B 114 -6.91 17.24 0.10
N ASN B 114 -6.88 17.23 0.15
CA ASN B 114 -7.96 17.09 1.15
CA ASN B 114 -7.96 17.14 1.15
C ASN B 114 -7.34 17.37 2.53
C ASN B 114 -7.37 17.32 2.56
N ILE B 115 -6.17 16.80 2.82
CA ILE B 115 -5.46 17.01 4.12
C ILE B 115 -5.24 18.51 4.34
N GLU B 116 -4.80 19.22 3.31
CA GLU B 116 -4.56 20.69 3.34
C GLU B 116 -5.87 21.42 3.69
N ASN B 117 -6.92 21.16 2.92
CA ASN B 117 -8.20 21.90 3.03
C ASN B 117 -8.81 21.59 4.39
N ASN B 118 -8.61 20.39 4.96
CA ASN B 118 -9.23 20.03 6.27
C ASN B 118 -8.37 20.57 7.42
N CYS B 119 -7.06 20.66 7.20
CA CYS B 119 -6.13 21.38 8.11
C CYS B 119 -6.59 22.83 8.27
N ARG B 120 -6.84 23.50 7.14
CA ARG B 120 -7.36 24.89 7.11
C ARG B 120 -8.57 24.96 8.06
N SER B 121 -9.59 24.12 7.85
CA SER B 121 -10.84 24.10 8.67
C SER B 121 -10.45 23.91 10.15
N LEU B 122 -9.63 22.90 10.43
CA LEU B 122 -9.30 22.49 11.82
C LEU B 122 -8.59 23.63 12.57
N PHE B 123 -7.57 24.23 11.94
CA PHE B 123 -6.70 25.27 12.56
C PHE B 123 -7.50 26.55 12.83
N GLU B 124 -8.38 26.91 11.88
CA GLU B 124 -9.16 28.18 11.92
C GLU B 124 -10.39 28.04 12.83
N GLN B 125 -11.13 26.93 12.70
N GLN B 125 -11.15 26.96 12.72
CA GLN B 125 -12.51 26.76 13.25
CA GLN B 125 -12.45 26.83 13.44
C GLN B 125 -12.63 25.55 14.20
C GLN B 125 -12.65 25.45 14.07
N GLY B 126 -11.56 24.77 14.42
CA GLY B 126 -11.60 23.57 15.30
C GLY B 126 -12.14 22.31 14.63
N PRO B 127 -12.09 21.15 15.33
CA PRO B 127 -12.36 19.85 14.72
C PRO B 127 -13.78 19.64 14.17
N ARG B 128 -14.77 20.36 14.71
CA ARG B 128 -16.20 20.08 14.40
C ARG B 128 -16.50 20.53 12.96
N ARG B 129 -15.61 21.30 12.32
CA ARG B 129 -15.74 21.69 10.89
C ARG B 129 -14.95 20.76 9.94
N ILE B 130 -14.29 19.72 10.45
CA ILE B 130 -13.66 18.71 9.56
C ILE B 130 -14.79 17.96 8.82
N SER B 131 -14.64 17.78 7.51
CA SER B 131 -15.64 17.06 6.69
C SER B 131 -15.86 15.63 7.19
N PRO B 132 -17.14 15.19 7.32
CA PRO B 132 -17.49 13.82 7.62
C PRO B 132 -16.87 12.76 6.68
N PHE B 133 -16.62 13.15 5.43
CA PHE B 133 -16.05 12.23 4.42
C PHE B 133 -14.52 12.38 4.36
N PHE B 134 -13.92 13.18 5.24
CA PHE B 134 -12.47 13.40 5.27
C PHE B 134 -11.73 12.05 5.21
N VAL B 135 -12.01 11.12 6.13
CA VAL B 135 -11.16 9.89 6.19
C VAL B 135 -11.47 9.02 4.97
N PRO B 136 -12.73 8.56 4.73
CA PRO B 136 -12.94 7.61 3.63
C PRO B 136 -12.64 8.27 2.27
N GLY B 137 -12.72 9.60 2.18
CA GLY B 137 -12.48 10.32 0.91
C GLY B 137 -11.02 10.71 0.71
N SER B 138 -10.11 10.31 1.59
CA SER B 138 -8.68 10.70 1.50
C SER B 138 -7.73 9.50 1.48
N ILE B 139 -8.18 8.33 1.90
CA ILE B 139 -7.28 7.17 2.12
C ILE B 139 -7.01 6.51 0.78
N ILE B 140 -5.83 5.96 0.65
CA ILE B 140 -5.29 5.56 -0.68
C ILE B 140 -6.13 4.40 -1.24
N ASN B 141 -6.70 3.54 -0.39
CA ASN B 141 -7.37 2.31 -0.88
C ASN B 141 -8.78 2.63 -1.40
N MET B 142 -9.18 3.91 -1.43
CA MET B 142 -10.57 4.22 -1.87
C MET B 142 -10.72 4.25 -3.37
N VAL B 143 -9.67 4.28 -4.18
CA VAL B 143 -9.85 4.07 -5.65
C VAL B 143 -10.30 2.61 -5.83
N SER B 144 -9.56 1.66 -5.24
CA SER B 144 -9.94 0.23 -5.27
C SER B 144 -11.33 0.04 -4.66
N GLY B 145 -11.58 0.64 -3.49
CA GLY B 145 -12.89 0.58 -2.82
C GLY B 145 -14.00 1.07 -3.72
N PHE B 146 -13.94 2.33 -4.19
CA PHE B 146 -15.07 2.97 -4.90
C PHE B 146 -15.27 2.24 -6.22
N LEU B 147 -14.16 1.84 -6.86
CA LEU B 147 -14.28 1.14 -8.16
C LEU B 147 -14.99 -0.21 -7.95
N SER B 148 -14.59 -0.96 -6.92
N SER B 148 -14.57 -0.95 -6.92
CA SER B 148 -15.21 -2.27 -6.59
CA SER B 148 -15.17 -2.25 -6.52
C SER B 148 -16.71 -2.09 -6.35
C SER B 148 -16.68 -2.09 -6.33
N ILE B 149 -17.10 -1.06 -5.58
CA ILE B 149 -18.54 -0.82 -5.25
C ILE B 149 -19.28 -0.45 -6.54
N HIS B 150 -18.72 0.44 -7.34
CA HIS B 150 -19.42 0.94 -8.55
C HIS B 150 -19.62 -0.20 -9.57
N LEU B 151 -18.65 -1.10 -9.75
CA LEU B 151 -18.67 -2.11 -10.85
C LEU B 151 -19.07 -3.49 -10.29
N GLY B 152 -19.21 -3.63 -8.98
CA GLY B 152 -19.56 -4.89 -8.31
C GLY B 152 -18.40 -5.89 -8.38
N LEU B 153 -17.17 -5.44 -8.20
CA LEU B 153 -15.97 -6.33 -8.23
C LEU B 153 -15.76 -6.93 -6.83
N GLN B 154 -15.69 -8.26 -6.74
CA GLN B 154 -15.63 -8.96 -5.43
C GLN B 154 -14.29 -9.67 -5.26
N GLY B 155 -13.41 -9.58 -6.26
CA GLY B 155 -12.05 -10.19 -6.26
C GLY B 155 -11.11 -9.47 -5.29
N PRO B 156 -9.82 -9.83 -5.29
CA PRO B 156 -8.83 -9.20 -4.41
C PRO B 156 -8.93 -7.70 -4.56
N ASN B 157 -8.99 -7.01 -3.42
N ASN B 157 -8.96 -7.01 -3.41
CA ASN B 157 -9.20 -5.55 -3.34
CA ASN B 157 -9.23 -5.55 -3.31
C ASN B 157 -8.16 -4.96 -2.41
C ASN B 157 -8.17 -4.94 -2.40
N TYR B 158 -7.19 -4.25 -2.98
CA TYR B 158 -6.06 -3.72 -2.17
C TYR B 158 -5.45 -2.54 -2.89
N ALA B 159 -4.47 -1.96 -2.21
CA ALA B 159 -3.77 -0.76 -2.68
C ALA B 159 -2.32 -0.83 -2.17
N LEU B 160 -1.39 -0.60 -3.07
CA LEU B 160 0.04 -0.41 -2.76
C LEU B 160 0.34 1.05 -2.53
N THR B 161 1.36 1.32 -1.73
CA THR B 161 1.91 2.67 -1.62
C THR B 161 3.43 2.48 -1.50
N THR B 162 4.13 2.57 -2.62
CA THR B 162 5.61 2.41 -2.67
C THR B 162 6.19 3.66 -3.30
N ALA B 163 5.73 4.83 -2.85
CA ALA B 163 6.22 6.11 -3.36
C ALA B 163 6.25 6.10 -4.89
N GLN B 164 7.39 6.41 -5.49
CA GLN B 164 7.51 6.59 -6.96
C GLN B 164 7.47 5.23 -7.68
N THR B 165 7.36 4.11 -6.97
CA THR B 165 7.38 2.74 -7.56
C THR B 165 5.95 2.18 -7.56
N THR B 166 4.99 2.91 -6.97
CA THR B 166 3.62 2.41 -6.72
C THR B 166 2.99 1.79 -7.96
N GLY B 167 2.90 2.55 -9.06
CA GLY B 167 2.21 2.10 -10.26
C GLY B 167 2.83 0.82 -10.81
N THR B 168 4.15 0.71 -10.79
CA THR B 168 4.88 -0.49 -11.28
C THR B 168 4.56 -1.69 -10.38
N HIS B 169 4.71 -1.55 -9.07
CA HIS B 169 4.41 -2.65 -8.13
C HIS B 169 2.95 -3.08 -8.25
N SER B 170 2.04 -2.11 -8.37
CA SER B 170 0.59 -2.40 -8.40
C SER B 170 0.30 -3.31 -9.57
N ILE B 171 0.82 -2.96 -10.73
CA ILE B 171 0.60 -3.75 -11.96
C ILE B 171 1.25 -5.12 -11.83
N GLY B 172 2.48 -5.17 -11.33
CA GLY B 172 3.20 -6.44 -11.20
C GLY B 172 2.50 -7.40 -10.26
N MET B 173 2.09 -6.92 -9.09
N MET B 173 2.11 -6.93 -9.08
CA MET B 173 1.48 -7.78 -8.04
CA MET B 173 1.48 -7.79 -8.06
C MET B 173 0.07 -8.20 -8.49
C MET B 173 0.09 -8.23 -8.54
N ALA B 174 -0.61 -7.37 -9.28
CA ALA B 174 -1.93 -7.73 -9.89
C ALA B 174 -1.71 -8.86 -10.90
N ALA B 175 -0.61 -8.78 -11.66
CA ALA B 175 -0.22 -9.82 -12.64
C ALA B 175 0.02 -11.13 -11.91
N ARG B 176 0.68 -11.09 -10.74
CA ARG B 176 0.90 -12.30 -9.89
C ARG B 176 -0.44 -12.90 -9.46
N ASN B 177 -1.36 -12.06 -8.98
CA ASN B 177 -2.70 -12.53 -8.54
C ASN B 177 -3.27 -13.40 -9.68
N ILE B 178 -3.16 -12.94 -10.92
CA ILE B 178 -3.82 -13.66 -12.04
C ILE B 178 -3.00 -14.93 -12.38
N ALA B 179 -1.69 -14.80 -12.44
CA ALA B 179 -0.75 -15.87 -12.84
C ALA B 179 -0.93 -17.06 -11.90
N TYR B 180 -1.20 -16.81 -10.63
CA TYR B 180 -1.30 -17.84 -9.57
C TYR B 180 -2.75 -18.19 -9.25
N GLY B 181 -3.71 -17.73 -10.06
CA GLY B 181 -5.11 -18.19 -10.04
C GLY B 181 -5.96 -17.58 -8.93
N GLU B 182 -5.51 -16.49 -8.30
CA GLU B 182 -6.27 -15.78 -7.23
C GLU B 182 -7.31 -14.85 -7.87
N ALA B 183 -7.16 -14.55 -9.16
CA ALA B 183 -8.09 -13.71 -9.95
C ALA B 183 -7.95 -14.05 -11.42
N ASP B 184 -8.98 -13.77 -12.23
CA ASP B 184 -8.86 -13.85 -13.71
C ASP B 184 -8.63 -12.47 -14.31
N VAL B 185 -9.10 -11.41 -13.65
CA VAL B 185 -9.00 -10.01 -14.15
C VAL B 185 -8.62 -9.14 -12.96
N MET B 186 -7.71 -8.21 -13.18
CA MET B 186 -7.39 -7.14 -12.21
C MET B 186 -7.35 -5.79 -12.92
N VAL B 187 -7.90 -4.76 -12.28
CA VAL B 187 -7.65 -3.36 -12.70
C VAL B 187 -6.48 -2.84 -11.85
N ALA B 188 -5.38 -2.41 -12.46
CA ALA B 188 -4.18 -2.09 -11.68
C ALA B 188 -3.47 -0.85 -12.23
N GLY B 189 -2.81 -0.14 -11.32
CA GLY B 189 -2.09 1.09 -11.68
C GLY B 189 -2.04 2.02 -10.50
N GLY B 190 -2.12 3.31 -10.74
CA GLY B 190 -1.88 4.31 -9.68
C GLY B 190 -2.42 5.66 -10.07
N SER B 191 -2.54 6.55 -9.10
CA SER B 191 -2.98 7.94 -9.34
C SER B 191 -2.30 8.85 -8.30
N GLU B 192 -2.19 10.10 -8.65
CA GLU B 192 -1.46 11.06 -7.81
C GLU B 192 -1.93 12.48 -8.10
N MET B 193 -2.08 13.26 -7.05
N MET B 193 -2.07 13.25 -7.03
CA MET B 193 -2.33 14.73 -7.10
CA MET B 193 -2.37 14.70 -7.04
C MET B 193 -1.65 15.35 -5.87
C MET B 193 -1.65 15.35 -5.85
N ALA B 194 -0.38 15.70 -6.04
CA ALA B 194 0.49 16.24 -4.97
C ALA B 194 1.02 17.62 -5.40
N ALA B 195 0.39 18.28 -6.37
CA ALA B 195 0.68 19.69 -6.75
C ALA B 195 -0.05 20.67 -5.85
N CYS B 196 -0.36 20.28 -4.62
CA CYS B 196 -0.78 21.22 -3.56
C CYS B 196 0.48 21.88 -3.02
N GLY B 197 0.31 22.79 -2.07
CA GLY B 197 1.43 23.42 -1.37
C GLY B 197 2.28 22.37 -0.71
N LEU B 198 1.65 21.34 -0.16
CA LEU B 198 2.36 20.34 0.67
C LEU B 198 3.33 19.53 -0.20
N GLY B 199 2.95 19.21 -1.44
CA GLY B 199 3.85 18.44 -2.33
C GLY B 199 4.95 19.33 -2.88
N LEU B 200 4.60 20.49 -3.42
CA LEU B 200 5.60 21.46 -3.95
C LEU B 200 6.49 21.89 -2.79
N GLY B 201 5.88 22.20 -1.64
CA GLY B 201 6.61 22.61 -0.42
C GLY B 201 7.47 21.49 0.13
N GLY B 202 6.94 20.27 0.20
CA GLY B 202 7.67 19.14 0.82
C GLY B 202 8.86 18.72 -0.02
N PHE B 203 8.65 18.52 -1.32
CA PHE B 203 9.76 18.13 -2.24
C PHE B 203 10.73 19.31 -2.35
N GLY B 204 10.21 20.54 -2.36
CA GLY B 204 11.01 21.78 -2.44
C GLY B 204 11.92 21.94 -1.24
N ALA B 205 11.47 21.59 -0.02
CA ALA B 205 12.27 21.68 1.22
C ALA B 205 13.44 20.71 1.17
N ALA B 206 13.29 19.57 0.48
CA ALA B 206 14.36 18.56 0.26
C ALA B 206 15.24 18.98 -0.93
N ARG B 207 14.89 20.09 -1.60
CA ARG B 207 15.55 20.65 -2.81
C ARG B 207 15.67 19.56 -3.87
N ALA B 208 14.62 18.75 -4.04
CA ALA B 208 14.56 17.60 -4.96
C ALA B 208 14.02 18.07 -6.32
N LEU B 209 13.39 19.25 -6.37
CA LEU B 209 12.68 19.75 -7.58
C LEU B 209 13.59 20.65 -8.44
N SER B 210 13.44 20.54 -9.75
CA SER B 210 13.87 21.59 -10.70
C SER B 210 13.27 22.93 -10.25
N THR B 211 14.10 23.99 -10.28
CA THR B 211 13.67 25.37 -9.97
C THR B 211 13.79 26.22 -11.24
N ARG B 212 13.76 25.61 -12.43
CA ARG B 212 13.85 26.31 -13.74
C ARG B 212 12.49 26.96 -14.06
N ASN B 213 12.06 27.91 -13.22
CA ASN B 213 10.74 28.61 -13.27
C ASN B 213 10.62 29.40 -14.58
N ASP B 214 11.72 29.93 -15.10
CA ASP B 214 11.72 30.76 -16.32
C ASP B 214 11.32 29.89 -17.52
N GLU B 215 11.62 28.59 -17.52
CA GLU B 215 11.38 27.74 -18.72
C GLU B 215 10.89 26.35 -18.28
N PRO B 216 9.63 26.27 -17.81
CA PRO B 216 9.12 25.03 -17.23
C PRO B 216 9.19 23.84 -18.17
N THR B 217 9.05 24.06 -19.47
CA THR B 217 9.00 22.98 -20.49
C THR B 217 10.38 22.37 -20.73
N ARG B 218 11.45 23.08 -20.36
CA ARG B 218 12.86 22.61 -20.47
C ARG B 218 13.33 22.07 -19.12
N ALA B 219 12.50 22.14 -18.07
CA ALA B 219 12.95 21.79 -16.70
C ALA B 219 13.29 20.31 -16.62
N SER B 220 12.43 19.43 -17.17
CA SER B 220 12.59 17.96 -17.05
C SER B 220 13.49 17.53 -18.20
N ARG B 221 14.76 17.20 -17.91
CA ARG B 221 15.78 16.97 -18.97
C ARG B 221 16.67 15.81 -18.57
N PRO B 222 16.10 14.57 -18.54
CA PRO B 222 16.80 13.40 -18.03
C PRO B 222 18.11 13.17 -18.81
N TRP B 223 19.19 12.95 -18.05
CA TRP B 223 20.56 12.65 -18.55
C TRP B 223 21.27 13.85 -19.16
N ASP B 224 20.62 15.03 -19.21
CA ASP B 224 21.22 16.29 -19.73
C ASP B 224 22.07 16.90 -18.62
N ARG B 225 23.21 17.47 -18.97
CA ARG B 225 24.22 17.91 -17.96
C ARG B 225 23.67 19.06 -17.10
N ASP B 226 22.63 19.74 -17.56
CA ASP B 226 22.02 20.93 -16.90
C ASP B 226 20.72 20.60 -16.13
N ARG B 227 20.41 19.32 -15.93
CA ARG B 227 19.24 18.87 -15.12
C ARG B 227 19.45 19.32 -13.67
N ASP B 228 18.38 19.61 -12.94
CA ASP B 228 18.49 20.14 -11.55
C ASP B 228 17.34 19.60 -10.69
N GLY B 229 16.85 18.40 -10.98
CA GLY B 229 15.84 17.70 -10.17
C GLY B 229 14.57 17.45 -10.95
N PHE B 230 13.62 16.73 -10.35
CA PHE B 230 12.43 16.26 -11.08
C PHE B 230 11.36 17.35 -11.06
N VAL B 231 10.36 17.12 -11.90
CA VAL B 231 9.20 18.00 -12.08
C VAL B 231 7.99 17.24 -11.55
N LEU B 232 7.22 17.87 -10.66
CA LEU B 232 6.07 17.22 -10.02
C LEU B 232 4.85 17.25 -10.96
N SER B 233 4.20 16.11 -11.16
CA SER B 233 3.06 15.98 -12.09
C SER B 233 1.93 15.14 -11.48
N ASP B 234 0.73 15.35 -12.02
CA ASP B 234 -0.54 14.76 -11.56
C ASP B 234 -1.08 13.84 -12.64
N GLY B 235 -1.91 12.89 -12.24
CA GLY B 235 -2.69 12.09 -13.19
C GLY B 235 -2.81 10.65 -12.73
N SER B 236 -3.03 9.74 -13.67
CA SER B 236 -3.40 8.35 -13.32
C SER B 236 -3.21 7.45 -14.53
N GLY B 237 -2.91 6.18 -14.25
CA GLY B 237 -2.87 5.13 -15.28
C GLY B 237 -3.52 3.90 -14.71
N ALA B 238 -4.31 3.23 -15.52
CA ALA B 238 -4.97 1.96 -15.13
C ALA B 238 -4.88 1.02 -16.32
N LEU B 239 -4.58 -0.23 -16.02
CA LEU B 239 -4.56 -1.32 -17.02
C LEU B 239 -5.58 -2.36 -16.59
N VAL B 240 -6.22 -2.96 -17.56
CA VAL B 240 -6.96 -4.21 -17.30
C VAL B 240 -6.04 -5.37 -17.64
N LEU B 241 -5.64 -6.11 -16.60
CA LEU B 241 -4.81 -7.33 -16.73
C LEU B 241 -5.78 -8.49 -16.75
N GLU B 242 -5.50 -9.49 -17.56
CA GLU B 242 -6.48 -10.57 -17.78
C GLU B 242 -5.73 -11.86 -18.13
N GLU B 243 -6.18 -12.96 -17.55
CA GLU B 243 -5.66 -14.30 -17.91
C GLU B 243 -5.88 -14.52 -19.41
N LEU B 244 -4.88 -15.10 -20.07
CA LEU B 244 -4.85 -15.19 -21.55
C LEU B 244 -6.05 -15.96 -22.07
N GLU B 245 -6.33 -17.15 -21.55
CA GLU B 245 -7.45 -18.00 -22.03
C GLU B 245 -8.79 -17.28 -21.79
N HIS B 246 -8.97 -16.63 -20.65
CA HIS B 246 -10.12 -15.74 -20.36
C HIS B 246 -10.27 -14.68 -21.46
N ALA B 247 -9.19 -14.04 -21.89
CA ALA B 247 -9.20 -12.95 -22.88
C ALA B 247 -9.58 -13.54 -24.24
N ARG B 248 -9.00 -14.69 -24.61
CA ARG B 248 -9.28 -15.34 -25.92
C ARG B 248 -10.73 -15.81 -26.00
N ALA B 249 -11.27 -16.39 -24.92
CA ALA B 249 -12.62 -16.98 -24.88
C ALA B 249 -13.68 -15.92 -25.17
N ARG B 250 -13.51 -14.68 -24.70
CA ARG B 250 -14.52 -13.62 -24.92
C ARG B 250 -14.14 -12.76 -26.14
N GLY B 251 -13.05 -13.06 -26.85
CA GLY B 251 -12.65 -12.32 -28.06
C GLY B 251 -12.08 -10.94 -27.79
N ALA B 252 -11.38 -10.79 -26.66
CA ALA B 252 -10.79 -9.51 -26.24
C ALA B 252 -9.71 -9.08 -27.24
N ARG B 253 -9.59 -7.77 -27.42
CA ARG B 253 -8.44 -7.15 -28.09
C ARG B 253 -7.32 -7.21 -27.05
N ILE B 254 -6.21 -7.83 -27.42
CA ILE B 254 -4.99 -7.93 -26.56
C ILE B 254 -3.96 -6.94 -27.04
N TYR B 255 -3.56 -5.99 -26.19
CA TYR B 255 -2.50 -5.02 -26.57
C TYR B 255 -1.12 -5.69 -26.56
N ALA B 256 -0.79 -6.45 -25.53
CA ALA B 256 0.57 -6.95 -25.24
C ALA B 256 0.46 -7.97 -24.13
N GLU B 257 1.52 -8.76 -23.93
CA GLU B 257 1.60 -9.72 -22.82
C GLU B 257 2.50 -9.14 -21.73
N LEU B 258 2.11 -9.34 -20.48
CA LEU B 258 2.99 -8.99 -19.34
C LEU B 258 3.74 -10.27 -18.98
N VAL B 259 5.02 -10.34 -19.32
CA VAL B 259 5.81 -11.60 -19.24
C VAL B 259 6.71 -11.60 -17.99
N GLY B 260 7.10 -10.42 -17.46
CA GLY B 260 8.05 -10.35 -16.33
C GLY B 260 7.70 -9.25 -15.31
N PHE B 261 7.95 -9.57 -14.05
CA PHE B 261 7.90 -8.61 -12.93
C PHE B 261 9.06 -8.89 -11.99
N GLY B 262 9.84 -7.84 -11.76
CA GLY B 262 10.98 -7.79 -10.85
C GLY B 262 10.77 -6.75 -9.76
N MET B 263 11.23 -7.11 -8.57
CA MET B 263 11.32 -6.23 -7.39
C MET B 263 12.71 -6.36 -6.80
N SER B 264 13.19 -5.28 -6.20
CA SER B 264 14.35 -5.36 -5.29
C SER B 264 14.32 -4.17 -4.35
N GLY B 265 15.15 -4.24 -3.32
CA GLY B 265 15.49 -3.12 -2.42
C GLY B 265 16.96 -2.80 -2.59
N ASP B 266 17.30 -1.52 -2.75
CA ASP B 266 18.70 -1.01 -2.73
C ASP B 266 19.31 -1.29 -1.36
N ALA B 267 18.51 -1.12 -0.28
CA ALA B 267 19.02 -1.09 1.12
C ALA B 267 20.21 -0.11 1.22
N PHE B 268 20.08 1.05 0.58
CA PHE B 268 21.21 1.99 0.45
C PHE B 268 20.88 3.28 1.20
N HIS B 269 19.91 4.07 0.73
CA HIS B 269 19.61 5.44 1.21
C HIS B 269 18.11 5.73 1.09
N MET B 270 17.63 6.68 1.88
CA MET B 270 16.19 7.00 2.00
C MET B 270 15.67 7.62 0.72
N THR B 271 16.49 8.41 0.01
CA THR B 271 16.03 9.17 -1.19
C THR B 271 16.96 9.02 -2.40
N ALA B 272 18.25 8.73 -2.24
CA ALA B 272 19.23 8.67 -3.37
C ALA B 272 19.56 7.21 -3.67
N PRO B 273 19.69 6.83 -4.96
CA PRO B 273 20.09 5.47 -5.33
C PRO B 273 21.60 5.30 -5.16
N PRO B 274 22.13 4.06 -5.10
CA PRO B 274 23.57 3.86 -5.18
C PRO B 274 24.09 4.35 -6.55
N GLU B 275 25.31 4.87 -6.58
CA GLU B 275 25.89 5.54 -7.76
C GLU B 275 25.89 4.59 -8.97
N ASP B 276 26.15 3.30 -8.72
CA ASP B 276 26.25 2.22 -9.76
C ASP B 276 24.87 1.60 -10.05
N GLY B 277 23.81 2.02 -9.36
CA GLY B 277 22.45 1.47 -9.60
C GLY B 277 22.39 -0.03 -9.39
N ALA B 278 23.16 -0.58 -8.43
CA ALA B 278 23.22 -2.04 -8.16
C ALA B 278 21.81 -2.58 -7.92
N GLY B 279 20.97 -1.86 -7.17
CA GLY B 279 19.60 -2.33 -6.87
C GLY B 279 18.75 -2.39 -8.13
N ALA B 280 18.79 -1.34 -8.93
CA ALA B 280 18.04 -1.26 -10.22
C ALA B 280 18.50 -2.41 -11.13
N ALA B 281 19.79 -2.75 -11.08
CA ALA B 281 20.35 -3.86 -11.89
C ALA B 281 19.79 -5.19 -11.42
N ARG B 282 19.78 -5.48 -10.11
CA ARG B 282 19.21 -6.74 -9.54
C ARG B 282 17.74 -6.85 -9.95
N CYS B 283 17.01 -5.76 -9.81
CA CYS B 283 15.57 -5.71 -10.12
C CYS B 283 15.33 -6.04 -11.60
N MET B 284 16.04 -5.39 -12.53
CA MET B 284 15.90 -5.70 -13.99
C MET B 284 16.27 -7.18 -14.26
N LYS B 285 17.39 -7.68 -13.76
CA LYS B 285 17.79 -9.11 -13.84
C LYS B 285 16.67 -9.99 -13.26
N ASN B 286 16.06 -9.59 -12.14
CA ASN B 286 14.97 -10.40 -11.55
C ASN B 286 13.79 -10.45 -12.52
N ALA B 287 13.47 -9.34 -13.19
CA ALA B 287 12.32 -9.23 -14.12
C ALA B 287 12.56 -10.10 -15.37
N LEU B 288 13.77 -10.06 -15.91
CA LEU B 288 14.12 -10.88 -17.10
C LEU B 288 14.13 -12.36 -16.73
N ARG B 289 14.70 -12.73 -15.59
CA ARG B 289 14.65 -14.14 -15.10
C ARG B 289 13.18 -14.55 -14.99
N ASP B 290 12.33 -13.72 -14.38
CA ASP B 290 10.86 -14.01 -14.23
C ASP B 290 10.24 -14.31 -15.61
N ALA B 291 10.65 -13.60 -16.65
CA ALA B 291 10.13 -13.73 -18.03
C ALA B 291 10.81 -14.86 -18.83
N GLY B 292 11.81 -15.51 -18.26
CA GLY B 292 12.71 -16.47 -18.96
C GLY B 292 13.35 -15.84 -20.19
N LEU B 293 13.73 -14.57 -20.12
CA LEU B 293 14.37 -13.84 -21.25
C LEU B 293 15.82 -13.51 -20.95
N ASP B 294 16.66 -13.58 -21.99
N ASP B 294 16.67 -13.59 -21.97
CA ASP B 294 18.07 -13.12 -22.00
CA ASP B 294 18.07 -13.12 -21.94
C ASP B 294 18.07 -11.59 -22.17
C ASP B 294 18.06 -11.60 -22.15
N PRO B 295 18.95 -10.84 -21.46
CA PRO B 295 19.02 -9.39 -21.66
C PRO B 295 19.07 -8.95 -23.13
N ARG B 296 19.70 -9.75 -24.00
CA ARG B 296 19.81 -9.48 -25.46
C ARG B 296 18.44 -9.33 -26.12
N GLN B 297 17.38 -9.89 -25.54
CA GLN B 297 16.02 -9.87 -26.16
C GLN B 297 15.34 -8.52 -25.91
N VAL B 298 15.85 -7.69 -24.99
CA VAL B 298 15.19 -6.39 -24.70
C VAL B 298 15.47 -5.39 -25.82
N ASP B 299 14.42 -4.74 -26.30
CA ASP B 299 14.52 -3.75 -27.40
C ASP B 299 14.34 -2.34 -26.88
N TYR B 300 13.46 -2.14 -25.89
CA TYR B 300 13.02 -0.78 -25.48
C TYR B 300 12.91 -0.73 -23.95
N ILE B 301 13.50 0.28 -23.34
CA ILE B 301 13.35 0.56 -21.90
C ILE B 301 12.68 1.92 -21.71
N ASN B 302 11.55 1.93 -20.99
CA ASN B 302 10.98 3.17 -20.47
C ASN B 302 11.64 3.37 -19.11
N ALA B 303 12.62 4.24 -19.08
CA ALA B 303 13.45 4.53 -17.88
C ALA B 303 12.56 5.09 -16.79
N HIS B 304 13.01 5.00 -15.55
CA HIS B 304 12.50 5.87 -14.46
C HIS B 304 12.86 7.33 -14.85
N GLY B 305 14.14 7.61 -15.11
CA GLY B 305 14.57 8.85 -15.80
C GLY B 305 13.95 10.12 -15.25
N THR B 306 14.14 10.41 -13.97
CA THR B 306 13.42 11.49 -13.22
C THR B 306 14.02 12.88 -13.47
N SER B 307 15.25 13.00 -14.00
CA SER B 307 15.97 14.30 -14.15
C SER B 307 16.61 14.72 -12.82
N THR B 308 16.90 13.79 -11.93
CA THR B 308 17.78 14.02 -10.76
C THR B 308 19.20 13.68 -11.18
N PRO B 309 20.20 14.45 -10.70
CA PRO B 309 21.59 14.17 -11.09
C PRO B 309 21.96 12.70 -10.84
N ALA B 310 21.78 12.19 -9.63
CA ALA B 310 22.27 10.84 -9.25
C ALA B 310 21.36 9.75 -9.82
N GLY B 311 20.03 9.93 -9.81
CA GLY B 311 19.07 8.93 -10.29
C GLY B 311 19.36 8.53 -11.74
N ASP B 312 19.47 9.53 -12.61
CA ASP B 312 19.68 9.33 -14.07
C ASP B 312 20.97 8.54 -14.30
N ILE B 313 22.06 8.88 -13.59
CA ILE B 313 23.39 8.25 -13.84
C ILE B 313 23.37 6.82 -13.29
N ALA B 314 22.73 6.58 -12.14
CA ALA B 314 22.51 5.22 -11.59
C ALA B 314 21.85 4.30 -12.63
N GLU B 315 20.84 4.80 -13.35
N GLU B 315 20.86 4.82 -13.36
CA GLU B 315 20.08 3.99 -14.33
CA GLU B 315 20.06 4.04 -14.33
C GLU B 315 20.98 3.62 -15.51
C GLU B 315 20.94 3.66 -15.53
N ILE B 316 21.80 4.57 -16.00
CA ILE B 316 22.80 4.26 -17.09
C ILE B 316 23.70 3.13 -16.59
N ALA B 317 24.32 3.28 -15.42
CA ALA B 317 25.21 2.23 -14.86
C ALA B 317 24.46 0.90 -14.79
N ALA B 318 23.22 0.93 -14.29
CA ALA B 318 22.44 -0.32 -14.10
C ALA B 318 22.20 -0.97 -15.47
N VAL B 319 21.82 -0.20 -16.49
CA VAL B 319 21.55 -0.75 -17.84
C VAL B 319 22.84 -1.29 -18.47
N LYS B 320 23.97 -0.61 -18.33
CA LYS B 320 25.28 -1.10 -18.88
C LYS B 320 25.66 -2.40 -18.20
N SER B 321 25.44 -2.50 -16.88
CA SER B 321 25.72 -3.70 -16.06
C SER B 321 24.86 -4.89 -16.52
N VAL B 322 23.56 -4.69 -16.68
CA VAL B 322 22.63 -5.80 -16.99
C VAL B 322 22.84 -6.27 -18.44
N PHE B 323 23.03 -5.35 -19.37
CA PHE B 323 22.86 -5.60 -20.82
C PHE B 323 24.21 -5.71 -21.52
N GLY B 324 25.32 -5.33 -20.87
CA GLY B 324 26.68 -5.54 -21.42
C GLY B 324 26.78 -5.06 -22.85
N GLU B 325 27.14 -5.95 -23.79
CA GLU B 325 27.40 -5.59 -25.22
C GLU B 325 26.08 -5.25 -25.95
N HIS B 326 24.92 -5.39 -25.29
CA HIS B 326 23.60 -5.08 -25.91
C HIS B 326 23.07 -3.72 -25.44
N ALA B 327 23.70 -3.10 -24.45
CA ALA B 327 23.21 -1.85 -23.80
C ALA B 327 23.05 -0.72 -24.82
N HIS B 328 23.83 -0.72 -25.92
CA HIS B 328 23.78 0.33 -26.97
C HIS B 328 22.75 -0.01 -28.05
N ALA B 329 22.35 -1.27 -28.16
CA ALA B 329 21.46 -1.75 -29.25
C ALA B 329 20.02 -1.42 -28.89
N LEU B 330 19.63 -1.64 -27.64
CA LEU B 330 18.29 -1.24 -27.14
C LEU B 330 18.17 0.29 -27.20
N SER B 331 16.94 0.76 -27.13
CA SER B 331 16.66 2.20 -26.97
C SER B 331 16.08 2.41 -25.58
N MET B 332 16.52 3.44 -24.89
CA MET B 332 16.01 3.79 -23.55
C MET B 332 15.59 5.27 -23.60
N SER B 333 14.37 5.56 -23.17
CA SER B 333 13.88 6.95 -23.08
C SER B 333 13.12 7.18 -21.77
N SER B 334 13.18 8.42 -21.32
CA SER B 334 12.37 8.94 -20.21
C SER B 334 11.27 9.81 -20.78
N THR B 335 10.04 9.29 -20.74
CA THR B 335 8.84 10.09 -21.07
C THR B 335 8.60 11.14 -19.97
N LYS B 336 9.25 11.06 -18.80
CA LYS B 336 9.17 12.14 -17.79
C LYS B 336 9.73 13.46 -18.36
N SER B 337 10.49 13.40 -19.46
CA SER B 337 10.99 14.61 -20.16
C SER B 337 9.81 15.47 -20.62
N MET B 338 8.66 14.83 -20.87
CA MET B 338 7.40 15.43 -21.35
C MET B 338 6.35 15.53 -20.24
N THR B 339 6.16 14.46 -19.46
CA THR B 339 5.01 14.32 -18.51
C THR B 339 5.38 14.88 -17.14
N GLY B 340 6.67 15.04 -16.86
CA GLY B 340 7.15 15.14 -15.49
C GLY B 340 6.86 13.83 -14.76
N HIS B 341 7.01 13.90 -13.46
CA HIS B 341 7.11 12.75 -12.54
C HIS B 341 5.77 12.65 -11.81
N LEU B 342 4.95 11.68 -12.20
CA LEU B 342 3.59 11.48 -11.62
C LEU B 342 3.68 10.66 -10.32
N LEU B 343 4.88 10.50 -9.75
CA LEU B 343 5.14 9.80 -8.47
C LEU B 343 4.48 8.41 -8.52
N GLY B 344 3.47 8.13 -7.68
CA GLY B 344 2.85 6.80 -7.65
C GLY B 344 2.18 6.40 -8.95
N ALA B 345 1.82 7.34 -9.82
CA ALA B 345 1.13 7.05 -11.09
C ALA B 345 2.17 6.96 -12.20
N ALA B 346 3.43 7.36 -11.94
CA ALA B 346 4.49 7.31 -12.99
C ALA B 346 4.56 5.91 -13.60
N GLY B 347 4.70 4.87 -12.78
CA GLY B 347 4.83 3.50 -13.28
C GLY B 347 3.61 3.04 -14.06
N ALA B 348 2.44 3.58 -13.74
CA ALA B 348 1.17 3.18 -14.41
C ALA B 348 1.15 3.80 -15.83
N VAL B 349 1.34 5.11 -15.94
CA VAL B 349 1.30 5.77 -17.27
C VAL B 349 2.49 5.28 -18.10
N GLU B 350 3.60 4.92 -17.46
CA GLU B 350 4.80 4.48 -18.24
C GLU B 350 4.66 3.03 -18.70
N ALA B 351 3.96 2.16 -17.96
CA ALA B 351 3.57 0.82 -18.46
C ALA B 351 2.69 1.01 -19.70
N ILE B 352 1.77 1.99 -19.69
CA ILE B 352 0.87 2.18 -20.87
C ILE B 352 1.72 2.64 -22.07
N PHE B 353 2.69 3.53 -21.84
CA PHE B 353 3.55 4.05 -22.92
C PHE B 353 4.43 2.91 -23.45
N SER B 354 4.81 1.97 -22.59
CA SER B 354 5.63 0.79 -22.97
C SER B 354 4.80 -0.16 -23.84
N VAL B 355 3.57 -0.42 -23.43
CA VAL B 355 2.61 -1.22 -24.24
C VAL B 355 2.40 -0.52 -25.60
N LEU B 356 2.27 0.80 -25.63
CA LEU B 356 1.98 1.50 -26.91
C LEU B 356 3.24 1.53 -27.79
N ALA B 357 4.43 1.57 -27.19
CA ALA B 357 5.70 1.46 -27.94
C ALA B 357 5.69 0.14 -28.71
N LEU B 358 5.23 -0.93 -28.07
CA LEU B 358 5.09 -2.26 -28.68
C LEU B 358 4.02 -2.23 -29.79
N ARG B 359 2.88 -1.62 -29.54
CA ARG B 359 1.78 -1.61 -30.53
C ARG B 359 2.25 -0.86 -31.78
N ASP B 360 2.96 0.26 -31.64
CA ASP B 360 3.22 1.20 -32.76
C ASP B 360 4.66 1.08 -33.26
N GLN B 361 5.48 0.21 -32.66
CA GLN B 361 6.91 0.00 -33.05
C GLN B 361 7.61 1.36 -33.08
N VAL B 362 7.63 2.05 -31.95
CA VAL B 362 8.29 3.38 -31.89
C VAL B 362 8.75 3.61 -30.46
N ALA B 363 10.01 4.03 -30.30
CA ALA B 363 10.56 4.49 -29.01
C ALA B 363 10.19 5.96 -28.86
N PRO B 364 9.45 6.31 -27.79
CA PRO B 364 9.16 7.70 -27.48
C PRO B 364 10.45 8.44 -27.17
N PRO B 365 10.48 9.75 -27.40
CA PRO B 365 11.69 10.55 -27.19
C PRO B 365 12.02 10.84 -25.73
N THR B 366 13.29 11.12 -25.46
CA THR B 366 13.71 11.90 -24.28
C THR B 366 13.89 13.32 -24.78
N ILE B 367 12.89 14.20 -24.63
CA ILE B 367 13.06 15.62 -25.04
C ILE B 367 14.06 16.30 -24.09
N ASN B 368 14.58 17.47 -24.50
CA ASN B 368 15.47 18.37 -23.71
C ASN B 368 16.87 17.76 -23.51
N LEU B 369 17.20 16.63 -24.16
CA LEU B 369 18.51 15.97 -24.01
C LEU B 369 19.46 16.64 -25.01
N ASP B 370 19.85 17.87 -24.68
CA ASP B 370 20.64 18.80 -25.54
C ASP B 370 22.12 18.45 -25.44
N ASN B 371 22.57 18.07 -24.24
CA ASN B 371 24.00 17.83 -23.90
C ASN B 371 24.06 16.67 -22.92
N PRO B 372 24.01 15.43 -23.43
CA PRO B 372 24.14 14.26 -22.59
C PRO B 372 25.29 14.46 -21.61
N ASP B 373 25.14 13.95 -20.39
CA ASP B 373 26.16 14.07 -19.34
C ASP B 373 27.25 13.02 -19.61
N GLU B 374 28.31 13.09 -18.81
CA GLU B 374 29.43 12.11 -18.74
C GLU B 374 28.87 10.69 -18.67
N GLY B 375 29.13 9.88 -19.69
CA GLY B 375 28.85 8.43 -19.65
C GLY B 375 27.41 8.11 -19.99
N CYS B 376 26.62 9.12 -20.36
CA CYS B 376 25.22 8.97 -20.83
C CYS B 376 25.25 8.85 -22.36
N ASP B 377 25.89 7.80 -22.86
CA ASP B 377 26.19 7.61 -24.32
C ASP B 377 25.37 6.44 -24.88
N LEU B 378 24.32 6.01 -24.18
CA LEU B 378 23.37 5.00 -24.70
C LEU B 378 22.50 5.64 -25.79
N ASP B 379 21.67 4.86 -26.45
CA ASP B 379 20.62 5.40 -27.35
C ASP B 379 19.48 5.84 -26.41
N LEU B 380 19.44 7.12 -26.07
CA LEU B 380 18.47 7.73 -25.14
C LEU B 380 17.35 8.39 -25.93
N VAL B 381 17.28 8.11 -27.24
CA VAL B 381 16.21 8.62 -28.14
C VAL B 381 16.08 10.13 -27.98
N ALA B 382 17.20 10.85 -28.00
CA ALA B 382 17.21 12.32 -27.81
C ALA B 382 16.25 12.98 -28.80
N HIS B 383 15.40 13.89 -28.30
CA HIS B 383 14.63 14.93 -29.02
C HIS B 383 13.38 14.38 -29.72
N GLU B 384 13.49 13.33 -30.54
CA GLU B 384 12.40 12.91 -31.46
C GLU B 384 12.16 11.40 -31.36
N ALA B 385 10.91 10.99 -31.53
CA ALA B 385 10.49 9.57 -31.53
C ALA B 385 11.29 8.82 -32.58
N LYS B 386 11.61 7.56 -32.32
CA LYS B 386 12.42 6.70 -33.22
C LYS B 386 11.62 5.44 -33.50
N PRO B 387 11.03 5.32 -34.72
CA PRO B 387 10.46 4.06 -35.18
C PRO B 387 11.55 2.99 -35.21
N ARG B 388 11.23 1.79 -34.76
CA ARG B 388 12.21 0.68 -34.64
C ARG B 388 11.46 -0.61 -34.31
N LYS B 389 12.16 -1.73 -34.42
CA LYS B 389 11.66 -3.05 -33.99
C LYS B 389 11.64 -3.08 -32.46
N ILE B 390 10.50 -3.43 -31.89
CA ILE B 390 10.35 -3.61 -30.41
C ILE B 390 9.52 -4.86 -30.20
N ASP B 391 10.16 -5.95 -29.82
CA ASP B 391 9.46 -7.18 -29.40
C ASP B 391 9.25 -7.16 -27.89
N VAL B 392 10.27 -6.69 -27.14
CA VAL B 392 10.32 -6.72 -25.65
C VAL B 392 10.64 -5.31 -25.15
N ALA B 393 9.82 -4.82 -24.20
CA ALA B 393 9.87 -3.46 -23.63
C ALA B 393 9.91 -3.59 -22.11
N LEU B 394 10.81 -2.86 -21.46
CA LEU B 394 10.92 -2.84 -19.98
C LEU B 394 10.40 -1.47 -19.50
N SER B 395 9.75 -1.45 -18.35
CA SER B 395 9.39 -0.20 -17.66
C SER B 395 9.97 -0.27 -16.25
N ASN B 396 10.80 0.70 -15.88
CA ASN B 396 11.51 0.72 -14.57
C ASN B 396 10.92 1.82 -13.68
N SER B 397 10.82 1.53 -12.40
CA SER B 397 10.50 2.52 -11.34
C SER B 397 11.46 2.30 -10.16
N PHE B 398 12.17 3.35 -9.75
CA PHE B 398 13.17 3.28 -8.64
C PHE B 398 12.87 4.44 -7.69
N GLY B 399 12.26 4.19 -6.52
CA GLY B 399 11.72 5.22 -5.62
C GLY B 399 12.35 5.31 -4.23
N PHE B 400 11.84 6.25 -3.43
CA PHE B 400 12.28 6.52 -2.06
C PHE B 400 12.23 5.20 -1.28
N GLY B 401 13.19 5.02 -0.37
CA GLY B 401 13.38 3.79 0.39
C GLY B 401 14.16 2.77 -0.38
N GLY B 402 14.64 3.11 -1.59
CA GLY B 402 15.42 2.19 -2.44
C GLY B 402 14.54 1.07 -2.98
N THR B 403 13.25 1.32 -3.13
CA THR B 403 12.28 0.29 -3.59
C THR B 403 12.21 0.32 -5.14
N ASN B 404 12.46 -0.82 -5.75
CA ASN B 404 12.61 -0.93 -7.21
C ASN B 404 11.54 -1.90 -7.73
N GLY B 405 11.08 -1.60 -8.92
CA GLY B 405 10.16 -2.41 -9.70
C GLY B 405 10.50 -2.34 -11.16
N THR B 406 10.39 -3.48 -11.85
CA THR B 406 10.55 -3.58 -13.32
C THR B 406 9.43 -4.45 -13.88
N LEU B 407 8.77 -3.98 -14.94
CA LEU B 407 7.78 -4.78 -15.69
C LEU B 407 8.37 -5.11 -17.06
N VAL B 408 8.15 -6.33 -17.53
CA VAL B 408 8.59 -6.78 -18.89
C VAL B 408 7.34 -7.10 -19.69
N PHE B 409 7.16 -6.40 -20.80
CA PHE B 409 6.06 -6.61 -21.74
C PHE B 409 6.65 -7.14 -23.04
N ARG B 410 5.89 -7.98 -23.72
CA ARG B 410 6.25 -8.57 -25.02
C ARG B 410 5.07 -8.42 -25.97
N ARG B 411 5.35 -8.26 -27.25
CA ARG B 411 4.36 -8.37 -28.36
C ARG B 411 3.60 -9.69 -28.22
N PHE B 412 2.29 -9.66 -28.42
CA PHE B 412 1.41 -10.85 -28.41
C PHE B 412 0.87 -11.07 -29.84
N ALA B 413 0.92 -12.31 -30.34
CA ALA B 413 0.26 -12.72 -31.61
C ALA B 413 -0.07 -14.21 -31.54
S DMS C . 0.79 -19.13 2.26
O DMS C . 0.56 -18.68 0.86
C1 DMS C . -0.81 -19.39 2.97
C2 DMS C . 1.29 -20.85 2.16
S DMS D . -21.01 -27.20 9.97
O DMS D . -20.95 -27.68 11.42
C1 DMS D . -19.35 -26.78 9.46
C2 DMS D . -21.24 -28.67 8.98
S DMS E . 7.38 20.89 11.61
O DMS E . 7.48 21.75 10.37
C1 DMS E . 7.14 21.98 13.00
C2 DMS E . 9.03 20.35 11.98
N1 K2G F . 18.89 8.72 6.74
C4 K2G F . 18.08 6.90 8.66
C5 K2G F . 18.65 6.44 7.50
C6 K2G F . 19.04 7.38 6.54
C7 K2G F . 19.59 6.96 5.22
N K2G F . 17.90 8.20 8.90
C K2G F . 19.08 10.98 9.28
O K2G F . 19.09 7.33 4.17
C1 K2G F . 18.07 10.55 8.23
C2 K2G F . 16.60 10.68 8.70
C3 K2G F . 18.31 9.06 7.94
N2 K2G F . 20.66 6.13 5.24
CL K2G F . 18.85 4.79 7.35
N1 K2G G . -10.90 5.20 -25.16
C4 K2G G . -11.03 7.93 -25.27
C5 K2G G . -11.44 7.30 -24.04
C6 K2G G . -11.36 5.91 -24.05
C7 K2G G . -11.85 5.12 -22.87
N K2G G . -10.60 7.28 -26.37
C K2G G . -8.86 4.23 -27.06
O K2G G . -12.72 5.52 -22.12
C1 K2G G . -9.99 5.16 -27.50
C2 K2G G . -11.10 4.39 -28.21
C3 K2G G . -10.53 5.90 -26.28
N2 K2G G . -11.25 3.92 -22.70
CL K2G G . -11.94 8.18 -22.64
N1 K2G H . -14.59 4.29 -27.49
C4 K2G H . -14.52 5.49 -24.96
C5 K2G H . -14.65 6.29 -26.13
C6 K2G H . -14.70 5.64 -27.37
C7 K2G H . -15.00 6.41 -28.62
N K2G H . -14.43 4.12 -25.03
C K2G H . -15.15 1.26 -25.70
O K2G H . -15.86 6.04 -29.42
C1 K2G H . -14.16 2.10 -26.49
C2 K2G H . -12.72 1.90 -26.02
C3 K2G H . -14.44 3.59 -26.32
N2 K2G H . -14.26 7.56 -28.81
CL K2G H . -14.68 7.94 -26.07
S DMS I . -25.27 -9.51 -13.83
O DMS I . -24.90 -10.97 -14.07
C1 DMS I . -25.48 -8.77 -15.44
C2 DMS I . -26.96 -9.53 -13.29
S DMS J . 3.02 -12.72 -14.35
O DMS J . 3.43 -13.43 -13.08
C1 DMS J . 4.44 -11.80 -14.90
C2 DMS J . 3.07 -13.96 -15.66
S DMS K . -13.85 15.29 1.87
O DMS K . -13.00 16.28 2.63
C1 DMS K . -15.45 16.06 1.70
C2 DMS K . -13.37 15.39 0.16
S DMS L . -13.03 17.94 -3.14
O DMS L . -12.61 16.58 -2.65
C1 DMS L . -12.44 18.08 -4.81
C2 DMS L . -11.91 19.11 -2.39
S DMS M . -19.69 -3.50 -16.88
O DMS M . -19.81 -5.00 -16.92
C1 DMS M . -21.35 -2.91 -16.61
C2 DMS M . -19.53 -2.97 -18.59
S DMS N . -18.19 6.04 -15.72
O DMS N . -17.94 4.86 -16.64
C1 DMS N . -18.96 5.36 -14.25
C2 DMS N . -19.62 6.88 -16.37
P PO4 O . -16.38 -15.70 -17.22
O1 PO4 O . -16.34 -16.52 -18.56
O2 PO4 O . -17.76 -15.78 -16.63
O3 PO4 O . -15.96 -14.22 -17.50
O4 PO4 O . -15.40 -16.36 -16.19
#